data_5MLK
#
_entry.id   5MLK
#
_cell.length_a   77.897
_cell.length_b   85.206
_cell.length_c   148.097
_cell.angle_alpha   90.00
_cell.angle_beta   90.00
_cell.angle_gamma   90.00
#
_symmetry.space_group_name_H-M   'P 21 21 21'
#
loop_
_entity.id
_entity.type
_entity.pdbx_description
1 polymer 'Acetyl-COA carboxylase'
2 water water
#
_entity_poly.entity_id   1
_entity_poly.type   'polypeptide(L)'
_entity_poly.pdbx_seq_one_letter_code
;MASWSHPQFEKGAHMASHAGSRIARISKVLVANRGEIAVRVIRAARDAGLPSVAVYAEPDAESPHVRLADEAFALGGQTS
AESYLDFAKILDAAAKSGANAIHPGYGFLAENADFAQAVIDAGLIWIGPSPQSIRDLGDKVTARHIAARAQAPLVPGTPD
PVKGADEVVAFAEEYGLPIAIKAAHGGGGKGMKVARTIDEIPELYESAVREATAAFGRGECYVERYLDKPRHVEAQVIAD
QHGNVVVAGTRDCSLQRRYQKLVEEAPAPFLTDFQRKEIHDSAKRICKEAHYHGAGTVEYLVGQDGLISFLEVNTRLQVE
HPVTEETAGIDLVLQQFRIANGEKLDITEDPTPRGHAIEFRINGEDAGRNFLPAPGPVTKFHPPSGPGVRVDSGVETGSV
IGGQFDSMLAKLIVHGADRAEALARARRALNEFGVEGLATVIPFHRAVVSDPAFIGDANGFSVHTRWIETEWNNTIEPFT
DGEPLDEDARPRQKVVVEIDGRRVEVSLPADLALSNGGGCDPVGVIRRKPKPRKRGAHTGAAASGDAVTAPMQGTVVKFA
VEEGQEVVAGDLVVVLEAMKMENPVTAHKDGTITGLAVEAGAAITQGTVLAEIK
;
_entity_poly.pdbx_strand_id   A,B
#
# COMPACT_ATOMS: atom_id res chain seq x y z
N ALA A 24 -11.88 -2.30 30.79
CA ALA A 24 -11.64 -3.62 30.20
C ALA A 24 -10.73 -3.52 28.97
N ARG A 25 -9.95 -4.58 28.72
CA ARG A 25 -8.95 -4.56 27.66
C ARG A 25 -9.17 -5.70 26.69
N ILE A 26 -9.00 -5.43 25.39
CA ILE A 26 -9.21 -6.46 24.38
C ILE A 26 -8.22 -7.61 24.55
N SER A 27 -8.70 -8.84 24.64
CA SER A 27 -7.78 -9.97 24.71
C SER A 27 -8.01 -10.97 23.58
N LYS A 28 -9.22 -11.03 23.06
CA LYS A 28 -9.51 -11.90 21.93
C LYS A 28 -10.63 -11.32 21.08
N VAL A 29 -10.36 -11.10 19.79
CA VAL A 29 -11.28 -10.37 18.91
C VAL A 29 -12.03 -11.29 17.97
N LEU A 30 -13.36 -11.27 18.04
CA LEU A 30 -14.17 -11.95 17.04
C LEU A 30 -14.44 -10.94 15.94
N VAL A 31 -14.19 -11.31 14.69
CA VAL A 31 -14.46 -10.42 13.56
C VAL A 31 -15.82 -10.76 12.94
N ALA A 32 -16.82 -9.92 13.20
CA ALA A 32 -18.20 -10.20 12.76
C ALA A 32 -18.41 -9.78 11.31
N ASN A 33 -17.67 -10.40 10.41
CA ASN A 33 -17.69 -10.02 9.00
C ASN A 33 -17.04 -11.10 8.11
N ARG A 34 -16.87 -10.80 6.82
CA ARG A 34 -16.35 -11.76 5.85
C ARG A 34 -15.40 -11.05 4.89
N GLY A 35 -14.93 -11.75 3.87
CA GLY A 35 -14.22 -11.14 2.75
C GLY A 35 -12.99 -10.33 3.12
N GLU A 36 -12.73 -9.28 2.36
CA GLU A 36 -11.47 -8.55 2.55
C GLU A 36 -11.36 -7.86 3.92
N ILE A 37 -12.44 -7.28 4.42
CA ILE A 37 -12.37 -6.59 5.72
C ILE A 37 -12.10 -7.56 6.88
N ALA A 38 -12.62 -8.78 6.81
CA ALA A 38 -12.32 -9.76 7.85
C ALA A 38 -10.82 -10.05 7.86
N VAL A 39 -10.27 -10.31 6.67
CA VAL A 39 -8.83 -10.51 6.51
C VAL A 39 -8.03 -9.33 7.08
N ARG A 40 -8.46 -8.11 6.73
CA ARG A 40 -7.79 -6.89 7.19
C ARG A 40 -7.75 -6.79 8.72
N VAL A 41 -8.86 -7.12 9.38
CA VAL A 41 -8.93 -7.04 10.84
C VAL A 41 -8.15 -8.19 11.49
N ILE A 42 -8.23 -9.36 10.89
CA ILE A 42 -7.43 -10.50 11.35
C ILE A 42 -5.93 -10.17 11.34
N ARG A 43 -5.47 -9.54 10.28
CA ARG A 43 -4.08 -9.09 10.23
C ARG A 43 -3.74 -8.09 11.33
N ALA A 44 -4.62 -7.13 11.55
CA ALA A 44 -4.35 -6.18 12.63
C ALA A 44 -4.31 -6.85 14.01
N ALA A 45 -5.20 -7.80 14.23
CA ALA A 45 -5.19 -8.55 15.49
C ALA A 45 -3.82 -9.21 15.68
N ARG A 46 -3.32 -9.85 14.63
CA ARG A 46 -2.02 -10.50 14.72
C ARG A 46 -0.89 -9.48 14.93
N ASP A 47 -1.01 -8.29 14.34
CA ASP A 47 0.01 -7.26 14.51
C ASP A 47 0.03 -6.83 15.97
N ALA A 48 -1.14 -6.82 16.59
CA ALA A 48 -1.31 -6.33 17.95
C ALA A 48 -1.09 -7.44 18.97
N GLY A 49 -0.83 -8.65 18.48
CA GLY A 49 -0.60 -9.79 19.36
C GLY A 49 -1.89 -10.30 19.99
N LEU A 50 -3.01 -10.09 19.30
CA LEU A 50 -4.32 -10.51 19.80
C LEU A 50 -4.84 -11.71 19.00
N PRO A 51 -5.31 -12.75 19.71
CA PRO A 51 -5.96 -13.90 19.07
C PRO A 51 -7.24 -13.46 18.34
N SER A 52 -7.47 -13.97 17.14
CA SER A 52 -8.64 -13.58 16.37
C SER A 52 -9.59 -14.74 16.18
N VAL A 53 -10.86 -14.44 15.97
CA VAL A 53 -11.89 -15.45 15.68
C VAL A 53 -12.64 -15.08 14.42
N ALA A 54 -12.62 -15.96 13.43
CA ALA A 54 -13.41 -15.78 12.22
C ALA A 54 -14.79 -16.39 12.42
N VAL A 55 -15.79 -15.83 11.75
CA VAL A 55 -17.09 -16.50 11.63
C VAL A 55 -17.43 -16.62 10.15
N TYR A 56 -18.17 -17.66 9.78
CA TYR A 56 -18.52 -17.85 8.38
C TYR A 56 -19.90 -18.46 8.16
N ALA A 57 -20.60 -17.91 7.17
CA ALA A 57 -21.81 -18.53 6.63
C ALA A 57 -21.38 -19.72 5.78
N GLU A 58 -22.33 -20.58 5.41
CA GLU A 58 -22.00 -21.78 4.65
C GLU A 58 -21.21 -21.55 3.34
N PRO A 59 -21.65 -20.59 2.50
CA PRO A 59 -20.89 -20.40 1.26
C PRO A 59 -19.48 -19.84 1.47
N ASP A 60 -19.18 -19.34 2.68
CA ASP A 60 -17.87 -18.76 2.99
C ASP A 60 -16.94 -19.73 3.74
N ALA A 61 -17.31 -21.01 3.78
CA ALA A 61 -16.56 -21.99 4.55
C ALA A 61 -15.11 -22.09 4.08
N GLU A 62 -14.90 -21.90 2.78
CA GLU A 62 -13.53 -21.98 2.26
C GLU A 62 -12.88 -20.62 1.97
N SER A 63 -13.39 -19.55 2.60
CA SER A 63 -12.85 -18.21 2.36
C SER A 63 -11.53 -18.04 3.09
N PRO A 64 -10.63 -17.23 2.51
CA PRO A 64 -9.34 -16.90 3.12
C PRO A 64 -9.46 -16.46 4.57
N HIS A 65 -10.48 -15.67 4.93
CA HIS A 65 -10.56 -15.17 6.31
C HIS A 65 -10.75 -16.29 7.33
N VAL A 66 -11.43 -17.37 6.92
CA VAL A 66 -11.63 -18.53 7.78
C VAL A 66 -10.29 -19.18 8.08
N ARG A 67 -9.46 -19.34 7.06
CA ARG A 67 -8.16 -19.98 7.22
C ARG A 67 -7.09 -19.11 7.90
N LEU A 68 -7.26 -17.79 7.84
CA LEU A 68 -6.27 -16.88 8.38
C LEU A 68 -6.40 -16.64 9.89
N ALA A 69 -7.63 -16.65 10.40
CA ALA A 69 -7.87 -16.35 11.80
C ALA A 69 -7.27 -17.44 12.68
N ASP A 70 -7.14 -17.18 13.97
CA ASP A 70 -6.55 -18.18 14.86
C ASP A 70 -7.52 -19.36 15.05
N GLU A 71 -8.81 -19.06 15.00
CA GLU A 71 -9.86 -20.08 15.03
C GLU A 71 -11.07 -19.53 14.29
N ALA A 72 -11.98 -20.43 13.90
CA ALA A 72 -13.14 -20.05 13.09
C ALA A 72 -14.38 -20.81 13.53
N PHE A 73 -15.52 -20.12 13.53
CA PHE A 73 -16.80 -20.72 13.90
C PHE A 73 -17.83 -20.61 12.80
N ALA A 74 -18.49 -21.71 12.50
CA ALA A 74 -19.53 -21.73 11.49
C ALA A 74 -20.81 -21.12 12.05
N LEU A 75 -21.42 -20.20 11.30
CA LEU A 75 -22.67 -19.60 11.73
C LEU A 75 -23.87 -20.37 11.18
N GLY A 76 -23.64 -21.13 10.11
CA GLY A 76 -24.72 -21.72 9.34
C GLY A 76 -25.36 -20.69 8.44
N GLY A 77 -26.34 -21.10 7.64
CA GLY A 77 -27.09 -20.17 6.82
C GLY A 77 -26.50 -19.96 5.44
N GLN A 78 -27.34 -19.59 4.49
CA GLN A 78 -26.91 -19.35 3.11
C GLN A 78 -26.95 -17.86 2.75
N THR A 79 -27.66 -17.09 3.56
CA THR A 79 -27.83 -15.66 3.29
C THR A 79 -27.27 -14.81 4.44
N SER A 80 -27.11 -13.51 4.18
CA SER A 80 -26.63 -12.58 5.21
C SER A 80 -27.60 -12.55 6.39
N ALA A 81 -28.89 -12.53 6.07
CA ALA A 81 -29.92 -12.52 7.10
C ALA A 81 -29.90 -13.79 7.96
N GLU A 82 -29.43 -14.90 7.38
CA GLU A 82 -29.35 -16.16 8.14
C GLU A 82 -28.02 -16.33 8.88
N SER A 83 -27.07 -15.43 8.62
CA SER A 83 -25.74 -15.57 9.20
C SER A 83 -25.21 -14.26 9.80
N TYR A 84 -24.43 -13.51 9.01
CA TYR A 84 -23.72 -12.33 9.52
C TYR A 84 -24.64 -11.26 10.13
N LEU A 85 -25.89 -11.19 9.70
CA LEU A 85 -26.82 -10.18 10.25
C LEU A 85 -27.59 -10.68 11.49
N ASP A 86 -27.42 -11.95 11.85
CA ASP A 86 -28.16 -12.51 12.99
C ASP A 86 -27.48 -12.20 14.34
N PHE A 87 -28.08 -11.31 15.14
CA PHE A 87 -27.52 -10.91 16.45
C PHE A 87 -27.19 -12.13 17.29
N ALA A 88 -28.18 -13.01 17.45
CA ALA A 88 -28.02 -14.17 18.31
C ALA A 88 -26.86 -15.05 17.86
N LYS A 89 -26.75 -15.29 16.55
CA LYS A 89 -25.68 -16.16 16.06
C LYS A 89 -24.28 -15.58 16.27
N ILE A 90 -24.15 -14.27 16.07
CA ILE A 90 -22.85 -13.63 16.28
C ILE A 90 -22.45 -13.70 17.75
N LEU A 91 -23.39 -13.32 18.62
CA LEU A 91 -23.16 -13.32 20.05
C LEU A 91 -22.84 -14.74 20.56
N ASP A 92 -23.50 -15.74 19.99
CA ASP A 92 -23.24 -17.15 20.32
C ASP A 92 -21.83 -17.57 19.92
N ALA A 93 -21.36 -17.09 18.78
CA ALA A 93 -20.02 -17.42 18.33
C ALA A 93 -18.99 -16.77 19.23
N ALA A 94 -19.28 -15.55 19.67
CA ALA A 94 -18.44 -14.88 20.66
C ALA A 94 -18.36 -15.69 21.96
N ALA A 95 -19.53 -16.14 22.44
CA ALA A 95 -19.61 -16.95 23.65
C ALA A 95 -18.83 -18.27 23.52
N LYS A 96 -19.07 -18.99 22.42
CA LYS A 96 -18.39 -20.27 22.22
C LYS A 96 -16.88 -20.16 22.06
N SER A 97 -16.41 -19.10 21.40
CA SER A 97 -14.99 -18.89 21.17
C SER A 97 -14.30 -18.26 22.39
N GLY A 98 -15.08 -17.66 23.28
CA GLY A 98 -14.51 -16.95 24.41
C GLY A 98 -13.91 -15.59 24.09
N ALA A 99 -14.31 -15.01 22.96
CA ALA A 99 -13.86 -13.67 22.60
C ALA A 99 -14.40 -12.71 23.64
N ASN A 100 -13.66 -11.64 23.94
CA ASN A 100 -14.17 -10.61 24.82
C ASN A 100 -14.40 -9.27 24.11
N ALA A 101 -14.29 -9.29 22.78
CA ALA A 101 -14.42 -8.08 21.97
C ALA A 101 -14.92 -8.44 20.58
N ILE A 102 -15.65 -7.51 19.96
CA ILE A 102 -16.16 -7.74 18.61
C ILE A 102 -15.83 -6.57 17.70
N HIS A 103 -15.18 -6.86 16.58
CA HIS A 103 -14.97 -5.85 15.53
C HIS A 103 -15.96 -6.15 14.40
N PRO A 104 -16.88 -5.22 14.13
CA PRO A 104 -17.95 -5.43 13.16
C PRO A 104 -17.53 -5.22 11.71
N GLY A 105 -16.29 -4.78 11.49
CA GLY A 105 -15.84 -4.42 10.13
C GLY A 105 -16.61 -3.22 9.59
N TYR A 106 -17.01 -3.29 8.31
CA TYR A 106 -17.94 -2.31 7.74
C TYR A 106 -19.12 -3.06 7.12
N GLY A 107 -20.23 -2.36 6.87
CA GLY A 107 -21.42 -3.04 6.41
C GLY A 107 -21.97 -3.95 7.51
N PHE A 108 -22.89 -4.84 7.13
CA PHE A 108 -23.56 -5.74 8.09
C PHE A 108 -24.05 -5.01 9.35
N LEU A 109 -23.42 -5.28 10.49
CA LEU A 109 -23.95 -4.75 11.75
C LEU A 109 -23.12 -3.61 12.34
N ALA A 110 -22.15 -3.11 11.56
CA ALA A 110 -21.25 -2.05 12.04
C ALA A 110 -21.96 -0.75 12.40
N GLU A 111 -23.07 -0.47 11.72
CA GLU A 111 -23.81 0.76 11.97
C GLU A 111 -25.15 0.42 12.59
N ASN A 112 -25.21 -0.71 13.27
CA ASN A 112 -26.45 -1.13 13.93
C ASN A 112 -26.32 -0.86 15.42
N ALA A 113 -26.97 0.22 15.88
CA ALA A 113 -26.85 0.67 17.25
C ALA A 113 -27.37 -0.34 18.27
N ASP A 114 -28.44 -1.04 17.91
CA ASP A 114 -29.02 -2.06 18.79
C ASP A 114 -28.06 -3.23 18.92
N PHE A 115 -27.36 -3.58 17.84
CA PHE A 115 -26.36 -4.62 17.96
C PHE A 115 -25.20 -4.16 18.86
N ALA A 116 -24.71 -2.94 18.65
CA ALA A 116 -23.67 -2.39 19.50
C ALA A 116 -24.08 -2.47 20.97
N GLN A 117 -25.33 -2.14 21.26
CA GLN A 117 -25.81 -2.18 22.65
C GLN A 117 -25.86 -3.62 23.15
N ALA A 118 -26.25 -4.56 22.29
CA ALA A 118 -26.34 -5.96 22.67
C ALA A 118 -24.95 -6.52 22.99
N VAL A 119 -23.96 -6.06 22.23
CA VAL A 119 -22.57 -6.42 22.48
C VAL A 119 -22.11 -5.92 23.85
N ILE A 120 -22.35 -4.64 24.11
CA ILE A 120 -21.98 -4.04 25.37
C ILE A 120 -22.74 -4.70 26.53
N ASP A 121 -24.01 -5.02 26.30
CA ASP A 121 -24.85 -5.69 27.31
C ASP A 121 -24.36 -7.10 27.66
N ALA A 122 -23.67 -7.76 26.74
CA ALA A 122 -23.14 -9.09 27.02
C ALA A 122 -21.78 -9.03 27.73
N GLY A 123 -21.30 -7.82 28.00
CA GLY A 123 -20.03 -7.66 28.68
C GLY A 123 -18.86 -7.71 27.72
N LEU A 124 -19.15 -7.59 26.43
CA LEU A 124 -18.11 -7.59 25.41
C LEU A 124 -17.68 -6.17 25.05
N ILE A 125 -16.43 -6.03 24.59
CA ILE A 125 -15.94 -4.73 24.12
C ILE A 125 -16.42 -4.52 22.68
N TRP A 126 -17.17 -3.43 22.48
CA TRP A 126 -17.66 -3.07 21.15
C TRP A 126 -16.60 -2.18 20.51
N ILE A 127 -15.95 -2.70 19.47
CA ILE A 127 -14.93 -1.92 18.77
C ILE A 127 -15.62 -0.97 17.80
N GLY A 128 -16.08 0.17 18.33
CA GLY A 128 -16.83 1.15 17.58
C GLY A 128 -17.32 2.25 18.50
N PRO A 129 -18.06 3.21 17.94
CA PRO A 129 -18.57 4.35 18.72
C PRO A 129 -19.78 3.93 19.55
N SER A 130 -20.22 4.80 20.44
CA SER A 130 -21.34 4.48 21.31
C SER A 130 -22.59 4.24 20.47
N PRO A 131 -23.50 3.39 20.95
CA PRO A 131 -24.78 3.21 20.26
C PRO A 131 -25.52 4.54 20.03
N GLN A 132 -25.46 5.46 20.99
CA GLN A 132 -26.15 6.72 20.80
C GLN A 132 -25.49 7.56 19.70
N SER A 133 -24.17 7.51 19.59
CA SER A 133 -23.48 8.18 18.49
C SER A 133 -23.94 7.64 17.13
N ILE A 134 -24.07 6.32 17.06
CA ILE A 134 -24.52 5.66 15.85
C ILE A 134 -25.92 6.14 15.46
N ARG A 135 -26.81 6.23 16.44
CA ARG A 135 -28.18 6.67 16.19
C ARG A 135 -28.20 8.12 15.76
N ASP A 136 -27.51 8.97 16.51
CA ASP A 136 -27.54 10.41 16.26
C ASP A 136 -26.93 10.76 14.91
N LEU A 137 -25.75 10.19 14.62
CA LEU A 137 -25.07 10.51 13.37
C LEU A 137 -25.69 9.81 12.17
N GLY A 138 -26.45 8.74 12.42
CA GLY A 138 -27.03 7.95 11.35
C GLY A 138 -28.38 8.49 10.92
N ASP A 139 -28.94 9.39 11.72
CA ASP A 139 -30.18 10.06 11.39
C ASP A 139 -29.89 11.43 10.78
N LYS A 140 -30.29 11.62 9.52
CA LYS A 140 -30.01 12.86 8.77
C LYS A 140 -30.30 14.13 9.55
N VAL A 141 -31.49 14.23 10.12
CA VAL A 141 -31.91 15.46 10.81
C VAL A 141 -31.09 15.71 12.05
N THR A 142 -30.95 14.69 12.90
CA THR A 142 -30.10 14.79 14.09
C THR A 142 -28.66 15.15 13.72
N ALA A 143 -28.15 14.53 12.66
CA ALA A 143 -26.78 14.79 12.23
C ALA A 143 -26.61 16.23 11.74
N ARG A 144 -27.60 16.75 11.00
CA ARG A 144 -27.52 18.13 10.54
C ARG A 144 -27.60 19.14 11.70
N HIS A 145 -28.40 18.81 12.70
CA HIS A 145 -28.47 19.64 13.90
C HIS A 145 -27.13 19.68 14.61
N ILE A 146 -26.48 18.53 14.69
CA ILE A 146 -25.13 18.45 15.26
C ILE A 146 -24.17 19.29 14.45
N ALA A 147 -24.20 19.10 13.14
CA ALA A 147 -23.34 19.89 12.24
C ALA A 147 -23.57 21.40 12.41
N ALA A 148 -24.82 21.83 12.48
CA ALA A 148 -25.10 23.25 12.68
C ALA A 148 -24.52 23.76 14.00
N ARG A 149 -24.69 22.99 15.07
CA ARG A 149 -24.12 23.37 16.36
C ARG A 149 -22.60 23.47 16.30
N ALA A 150 -21.98 22.60 15.51
CA ALA A 150 -20.52 22.59 15.35
C ALA A 150 -20.01 23.66 14.37
N GLN A 151 -20.91 24.52 13.88
CA GLN A 151 -20.58 25.52 12.88
C GLN A 151 -19.94 24.89 11.63
N ALA A 152 -20.50 23.77 11.18
CA ALA A 152 -20.02 23.11 9.96
C ALA A 152 -20.47 23.87 8.71
N PRO A 153 -19.68 23.81 7.63
CA PRO A 153 -20.08 24.43 6.36
C PRO A 153 -21.30 23.71 5.83
N LEU A 154 -22.40 24.46 5.66
CA LEU A 154 -23.67 23.85 5.26
C LEU A 154 -24.33 24.70 4.19
N VAL A 155 -24.80 24.07 3.11
CA VAL A 155 -25.63 24.79 2.15
C VAL A 155 -26.97 25.07 2.83
N PRO A 156 -27.70 26.10 2.36
CA PRO A 156 -29.01 26.37 2.96
C PRO A 156 -29.90 25.13 2.87
N GLY A 157 -30.63 24.87 3.94
CA GLY A 157 -31.59 23.78 3.94
C GLY A 157 -32.58 23.95 5.06
N THR A 158 -33.65 23.15 5.06
CA THR A 158 -34.59 23.17 6.18
C THR A 158 -33.98 22.39 7.33
N PRO A 159 -33.89 23.02 8.52
CA PRO A 159 -33.31 22.36 9.68
C PRO A 159 -34.10 21.13 10.14
N ASP A 160 -35.40 21.11 9.86
CA ASP A 160 -36.25 19.97 10.20
C ASP A 160 -36.97 19.49 8.95
N PRO A 161 -37.55 18.28 8.99
CA PRO A 161 -38.28 17.82 7.80
C PRO A 161 -39.41 18.78 7.42
N VAL A 162 -39.78 18.83 6.15
CA VAL A 162 -40.91 19.69 5.77
C VAL A 162 -42.20 18.93 6.07
N LYS A 163 -43.28 19.68 6.29
CA LYS A 163 -44.57 19.06 6.53
C LYS A 163 -45.33 18.86 5.24
N GLY A 164 -44.91 19.54 4.17
CA GLY A 164 -45.59 19.42 2.90
C GLY A 164 -44.88 20.09 1.72
N ALA A 165 -45.48 19.92 0.54
CA ALA A 165 -44.90 20.42 -0.71
C ALA A 165 -44.88 21.94 -0.74
N ASP A 166 -45.78 22.56 -0.01
CA ASP A 166 -45.81 24.01 0.02
C ASP A 166 -44.62 24.62 0.76
N GLU A 167 -44.08 23.89 1.75
CA GLU A 167 -42.85 24.32 2.42
C GLU A 167 -41.66 24.26 1.47
N VAL A 168 -41.66 23.24 0.61
CA VAL A 168 -40.58 23.02 -0.34
C VAL A 168 -40.55 24.12 -1.41
N VAL A 169 -41.74 24.44 -1.91
CA VAL A 169 -41.89 25.52 -2.88
C VAL A 169 -41.41 26.84 -2.27
N ALA A 170 -41.79 27.07 -1.01
CA ALA A 170 -41.39 28.27 -0.31
C ALA A 170 -39.87 28.35 -0.13
N PHE A 171 -39.26 27.22 0.24
CA PHE A 171 -37.80 27.16 0.33
C PHE A 171 -37.14 27.50 -1.01
N ALA A 172 -37.69 26.95 -2.09
CA ALA A 172 -37.16 27.18 -3.43
C ALA A 172 -37.30 28.63 -3.88
N GLU A 173 -38.40 29.27 -3.48
CA GLU A 173 -38.63 30.68 -3.82
C GLU A 173 -37.65 31.59 -3.08
N GLU A 174 -37.39 31.26 -1.82
CA GLU A 174 -36.54 32.10 -0.98
C GLU A 174 -35.05 31.89 -1.26
N TYR A 175 -34.65 30.62 -1.41
CA TYR A 175 -33.23 30.29 -1.57
C TYR A 175 -32.79 29.96 -2.99
N GLY A 176 -33.74 29.64 -3.87
CA GLY A 176 -33.40 29.39 -5.26
C GLY A 176 -33.28 27.92 -5.63
N LEU A 177 -33.29 27.68 -6.94
CA LEU A 177 -33.22 26.35 -7.53
C LEU A 177 -31.83 26.17 -8.13
N PRO A 178 -31.37 24.91 -8.28
CA PRO A 178 -32.10 23.67 -7.96
C PRO A 178 -32.02 23.28 -6.49
N ILE A 179 -32.97 22.44 -6.08
CA ILE A 179 -33.05 21.95 -4.71
C ILE A 179 -33.10 20.42 -4.74
N ALA A 180 -32.71 19.81 -3.63
CA ALA A 180 -32.79 18.36 -3.48
C ALA A 180 -33.77 18.07 -2.37
N ILE A 181 -34.61 17.07 -2.57
CA ILE A 181 -35.53 16.60 -1.55
C ILE A 181 -35.01 15.23 -1.11
N LYS A 182 -34.68 15.11 0.17
CA LYS A 182 -34.00 13.92 0.67
C LYS A 182 -34.72 13.31 1.88
N ALA A 183 -34.62 11.98 2.01
CA ALA A 183 -35.19 11.27 3.15
C ALA A 183 -34.52 11.71 4.44
N ALA A 184 -35.34 12.09 5.43
CA ALA A 184 -34.79 12.55 6.70
C ALA A 184 -34.31 11.38 7.55
N HIS A 185 -34.80 10.17 7.24
CA HIS A 185 -34.52 9.00 8.05
C HIS A 185 -33.96 7.83 7.23
N GLY A 186 -33.32 8.14 6.12
CA GLY A 186 -32.76 7.12 5.24
C GLY A 186 -31.51 7.54 4.53
N MET A 192 -34.48 10.27 -3.20
CA MET A 192 -33.77 11.55 -3.35
C MET A 192 -34.05 12.16 -4.72
N LYS A 193 -34.65 13.34 -4.75
CA LYS A 193 -35.12 13.94 -5.99
C LYS A 193 -34.59 15.37 -6.17
N VAL A 194 -34.14 15.69 -7.38
CA VAL A 194 -33.67 17.03 -7.69
C VAL A 194 -34.77 17.79 -8.44
N ALA A 195 -35.21 18.90 -7.87
CA ALA A 195 -36.20 19.78 -8.51
C ALA A 195 -35.50 20.99 -9.13
N ARG A 196 -35.77 21.23 -10.41
CA ARG A 196 -35.12 22.30 -11.16
C ARG A 196 -36.06 23.43 -11.54
N THR A 197 -37.37 23.20 -11.40
CA THR A 197 -38.35 24.27 -11.57
C THR A 197 -39.37 24.22 -10.44
N ILE A 198 -40.13 25.29 -10.27
CA ILE A 198 -41.17 25.32 -9.26
C ILE A 198 -42.28 24.33 -9.59
N ASP A 199 -42.71 24.31 -10.86
CA ASP A 199 -43.82 23.43 -11.27
C ASP A 199 -43.60 21.94 -10.98
N GLU A 200 -42.36 21.49 -11.05
CA GLU A 200 -42.11 20.06 -10.88
C GLU A 200 -42.06 19.62 -9.42
N ILE A 201 -42.00 20.60 -8.51
CA ILE A 201 -41.85 20.31 -7.08
C ILE A 201 -42.90 19.35 -6.48
N PRO A 202 -44.20 19.63 -6.65
CA PRO A 202 -45.21 18.77 -5.99
C PRO A 202 -45.06 17.29 -6.32
N GLU A 203 -44.92 16.96 -7.59
CA GLU A 203 -44.78 15.56 -8.00
C GLU A 203 -43.51 14.92 -7.44
N LEU A 204 -42.40 15.65 -7.52
CA LEU A 204 -41.13 15.16 -6.98
C LEU A 204 -41.17 14.96 -5.46
N TYR A 205 -41.84 15.87 -4.76
CA TYR A 205 -41.98 15.74 -3.31
C TYR A 205 -42.74 14.47 -2.97
N GLU A 206 -43.84 14.24 -3.69
CA GLU A 206 -44.65 13.04 -3.51
C GLU A 206 -43.86 11.75 -3.80
N SER A 207 -43.16 11.72 -4.93
CA SER A 207 -42.27 10.61 -5.23
C SER A 207 -41.24 10.39 -4.12
N ALA A 208 -40.67 11.48 -3.62
CA ALA A 208 -39.66 11.41 -2.58
C ALA A 208 -40.20 10.78 -1.31
N VAL A 209 -41.37 11.25 -0.85
CA VAL A 209 -41.98 10.71 0.35
C VAL A 209 -42.32 9.22 0.21
N ARG A 210 -42.85 8.85 -0.94
CA ARG A 210 -43.22 7.46 -1.19
C ARG A 210 -42.02 6.54 -1.28
N GLU A 211 -40.99 6.94 -2.03
CA GLU A 211 -39.77 6.15 -2.10
C GLU A 211 -39.13 6.01 -0.72
N ALA A 212 -39.12 7.11 0.04
CA ALA A 212 -38.55 7.13 1.38
C ALA A 212 -39.30 6.17 2.31
N THR A 213 -40.63 6.29 2.32
CA THR A 213 -41.49 5.38 3.09
C THR A 213 -41.23 3.93 2.73
N ALA A 214 -41.17 3.64 1.44
CA ALA A 214 -40.96 2.28 0.96
C ALA A 214 -39.61 1.71 1.37
N ALA A 215 -38.59 2.57 1.40
CA ALA A 215 -37.23 2.12 1.69
C ALA A 215 -36.94 2.00 3.19
N PHE A 216 -37.47 2.94 3.98
CA PHE A 216 -37.04 3.10 5.37
C PHE A 216 -38.18 3.08 6.37
N GLY A 217 -39.41 2.91 5.89
CA GLY A 217 -40.57 2.88 6.75
C GLY A 217 -41.03 4.25 7.25
N ARG A 218 -40.36 5.33 6.82
CA ARG A 218 -40.74 6.68 7.21
C ARG A 218 -40.64 7.66 6.04
N GLY A 219 -41.69 8.44 5.80
CA GLY A 219 -41.74 9.30 4.61
C GLY A 219 -41.27 10.73 4.76
N GLU A 220 -40.89 11.14 5.96
CA GLU A 220 -40.48 12.53 6.21
C GLU A 220 -39.24 12.90 5.39
N CYS A 221 -39.28 14.08 4.77
CA CYS A 221 -38.19 14.55 3.92
C CYS A 221 -37.78 15.96 4.28
N TYR A 222 -36.51 16.30 4.05
CA TYR A 222 -36.05 17.69 4.18
C TYR A 222 -35.58 18.17 2.82
N VAL A 223 -35.28 19.47 2.72
CA VAL A 223 -34.91 20.08 1.45
C VAL A 223 -33.63 20.88 1.66
N GLU A 224 -32.80 20.96 0.62
CA GLU A 224 -31.60 21.79 0.68
C GLU A 224 -31.17 22.15 -0.73
N ARG A 225 -30.27 23.13 -0.85
CA ARG A 225 -29.73 23.50 -2.15
C ARG A 225 -29.01 22.30 -2.73
N TYR A 226 -29.19 22.07 -4.03
CA TYR A 226 -28.54 20.98 -4.71
C TYR A 226 -27.32 21.48 -5.47
N LEU A 227 -26.19 20.79 -5.30
CA LEU A 227 -24.97 21.13 -6.01
C LEU A 227 -24.77 20.20 -7.22
N ASP A 228 -24.71 20.78 -8.42
CA ASP A 228 -24.46 19.96 -9.60
C ASP A 228 -22.97 19.60 -9.72
N LYS A 229 -22.70 18.40 -10.23
CA LYS A 229 -21.35 17.91 -10.46
C LYS A 229 -20.37 18.15 -9.30
N PRO A 230 -20.72 17.67 -8.09
CA PRO A 230 -19.79 17.98 -6.99
C PRO A 230 -18.68 16.94 -6.92
N ARG A 231 -17.60 17.27 -6.23
CA ARG A 231 -16.61 16.28 -5.83
C ARG A 231 -17.06 15.70 -4.50
N HIS A 232 -16.67 14.46 -4.21
CA HIS A 232 -16.94 13.86 -2.91
C HIS A 232 -15.60 13.82 -2.19
N VAL A 233 -15.50 14.57 -1.10
CA VAL A 233 -14.26 14.68 -0.34
C VAL A 233 -14.53 14.41 1.12
N GLU A 234 -13.73 13.55 1.74
CA GLU A 234 -14.03 13.13 3.11
C GLU A 234 -12.79 13.22 3.99
N ALA A 235 -13.01 13.42 5.29
CA ALA A 235 -11.93 13.53 6.25
C ALA A 235 -11.95 12.32 7.16
N GLN A 236 -10.84 11.57 7.16
CA GLN A 236 -10.67 10.44 8.06
C GLN A 236 -10.35 10.96 9.46
N VAL A 237 -11.15 10.58 10.47
CA VAL A 237 -10.86 11.03 11.83
C VAL A 237 -10.39 9.88 12.69
N ILE A 238 -9.68 10.24 13.76
CA ILE A 238 -9.36 9.33 14.85
C ILE A 238 -9.76 10.08 16.11
N ALA A 239 -10.72 9.55 16.87
CA ALA A 239 -11.24 10.25 18.05
C ALA A 239 -11.26 9.32 19.25
N ASP A 240 -10.62 9.73 20.35
CA ASP A 240 -10.61 8.89 21.53
C ASP A 240 -11.84 9.14 22.41
N GLN A 241 -11.94 8.39 23.50
CA GLN A 241 -13.05 8.58 24.44
C GLN A 241 -12.83 9.75 25.40
N HIS A 242 -11.87 10.61 25.09
CA HIS A 242 -11.46 11.69 25.99
C HIS A 242 -11.48 13.05 25.33
N GLY A 243 -12.23 13.18 24.23
CA GLY A 243 -12.37 14.45 23.56
C GLY A 243 -11.26 14.82 22.57
N ASN A 244 -10.23 13.98 22.45
CA ASN A 244 -9.14 14.29 21.50
C ASN A 244 -9.46 13.76 20.11
N VAL A 245 -9.36 14.63 19.11
CA VAL A 245 -9.69 14.27 17.73
C VAL A 245 -8.60 14.74 16.79
N VAL A 246 -8.17 13.83 15.93
CA VAL A 246 -7.17 14.11 14.91
C VAL A 246 -7.77 13.77 13.54
N VAL A 247 -7.45 14.57 12.52
CA VAL A 247 -7.79 14.22 11.15
C VAL A 247 -6.58 13.57 10.46
N ALA A 248 -6.68 12.28 10.17
CA ALA A 248 -5.54 11.55 9.60
C ALA A 248 -5.24 11.99 8.16
N GLY A 249 -6.24 12.58 7.50
CA GLY A 249 -6.08 13.09 6.14
C GLY A 249 -7.40 13.11 5.39
N THR A 250 -7.36 13.57 4.13
CA THR A 250 -8.57 13.60 3.32
C THR A 250 -8.54 12.53 2.22
N ARG A 251 -9.70 12.17 1.72
CA ARG A 251 -9.78 11.32 0.55
C ARG A 251 -10.75 11.92 -0.45
N ASP A 252 -10.50 11.71 -1.73
CA ASP A 252 -11.47 12.06 -2.76
C ASP A 252 -12.08 10.77 -3.31
N CYS A 253 -13.41 10.71 -3.35
CA CYS A 253 -14.12 9.51 -3.80
C CYS A 253 -15.14 9.88 -4.86
N SER A 254 -14.80 10.87 -5.69
CA SER A 254 -15.71 11.34 -6.72
C SER A 254 -16.07 10.29 -7.76
N LEU A 255 -15.17 9.34 -8.00
CA LEU A 255 -15.43 8.26 -8.97
C LEU A 255 -16.36 7.24 -8.33
N GLN A 256 -17.61 7.64 -8.17
CA GLN A 256 -18.64 6.74 -7.68
C GLN A 256 -19.72 6.66 -8.73
N ARG A 257 -20.50 5.57 -8.69
CA ARG A 257 -21.59 5.36 -9.62
C ARG A 257 -22.86 5.04 -8.83
N ARG A 258 -23.85 5.91 -8.92
CA ARG A 258 -25.03 5.84 -8.05
C ARG A 258 -24.65 5.69 -6.58
N TYR A 259 -23.72 6.55 -6.16
CA TYR A 259 -23.26 6.65 -4.77
C TYR A 259 -22.39 5.49 -4.33
N GLN A 260 -22.15 4.55 -5.24
CA GLN A 260 -21.27 3.44 -4.92
C GLN A 260 -19.85 3.80 -5.34
N LYS A 261 -18.94 3.88 -4.39
CA LYS A 261 -17.56 4.27 -4.70
C LYS A 261 -16.82 3.16 -5.45
N LEU A 262 -16.01 3.55 -6.43
CA LEU A 262 -15.23 2.56 -7.20
C LEU A 262 -13.74 2.83 -7.09
N VAL A 263 -13.38 4.12 -7.09
CA VAL A 263 -11.99 4.55 -6.96
C VAL A 263 -11.90 5.66 -5.91
N GLU A 264 -10.92 5.56 -5.02
CA GLU A 264 -10.70 6.60 -4.00
C GLU A 264 -9.22 6.98 -3.97
N GLU A 265 -8.92 8.23 -3.62
CA GLU A 265 -7.51 8.65 -3.52
C GLU A 265 -7.22 9.56 -2.33
N ALA A 266 -5.96 9.56 -1.91
CA ALA A 266 -5.49 10.35 -0.75
C ALA A 266 -4.12 10.95 -1.06
N PRO A 267 -3.91 12.21 -0.67
CA PRO A 267 -4.91 13.15 -0.15
C PRO A 267 -5.93 13.46 -1.25
N ALA A 268 -7.06 14.06 -0.89
CA ALA A 268 -7.93 14.62 -1.92
C ALA A 268 -7.10 15.70 -2.61
N PRO A 269 -6.98 15.63 -3.95
CA PRO A 269 -6.08 16.53 -4.68
C PRO A 269 -6.73 17.85 -5.07
N PHE A 270 -5.90 18.79 -5.50
CA PHE A 270 -6.38 20.05 -6.06
C PHE A 270 -7.33 20.80 -5.10
N LEU A 271 -6.90 20.96 -3.85
CA LEU A 271 -7.64 21.77 -2.88
C LEU A 271 -6.67 22.81 -2.36
N THR A 272 -7.18 24.01 -2.06
CA THR A 272 -6.34 25.05 -1.48
C THR A 272 -6.11 24.72 -0.01
N ASP A 273 -5.11 25.36 0.60
CA ASP A 273 -4.86 25.13 2.00
C ASP A 273 -6.08 25.59 2.77
N PHE A 274 -6.75 26.64 2.29
CA PHE A 274 -7.92 27.13 3.02
C PHE A 274 -9.08 26.13 2.99
N GLN A 275 -9.24 25.44 1.86
CA GLN A 275 -10.26 24.39 1.76
C GLN A 275 -9.96 23.24 2.71
N ARG A 276 -8.70 22.80 2.76
CA ARG A 276 -8.32 21.72 3.65
C ARG A 276 -8.51 22.10 5.10
N LYS A 277 -8.14 23.33 5.46
CA LYS A 277 -8.33 23.81 6.82
C LYS A 277 -9.79 23.77 7.23
N GLU A 278 -10.67 24.28 6.36
CA GLU A 278 -12.11 24.23 6.61
C GLU A 278 -12.62 22.80 6.82
N ILE A 279 -12.14 21.88 5.98
CA ILE A 279 -12.50 20.47 6.11
C ILE A 279 -11.98 19.86 7.41
N HIS A 280 -10.68 19.99 7.66
CA HIS A 280 -10.08 19.39 8.87
C HIS A 280 -10.67 19.98 10.15
N ASP A 281 -10.70 21.31 10.24
CA ASP A 281 -11.22 22.01 11.41
C ASP A 281 -12.67 21.59 11.71
N SER A 282 -13.52 21.64 10.68
CA SER A 282 -14.94 21.35 10.92
C SER A 282 -15.18 19.89 11.27
N ALA A 283 -14.39 18.98 10.70
CA ALA A 283 -14.56 17.56 11.02
C ALA A 283 -14.36 17.30 12.52
N LYS A 284 -13.38 17.97 13.12
CA LYS A 284 -13.13 17.80 14.55
C LYS A 284 -14.25 18.39 15.40
N ARG A 285 -14.75 19.57 15.03
CA ARG A 285 -15.84 20.21 15.78
C ARG A 285 -17.08 19.35 15.75
N ILE A 286 -17.36 18.73 14.60
CA ILE A 286 -18.52 17.85 14.45
C ILE A 286 -18.40 16.66 15.40
N CYS A 287 -17.23 16.02 15.39
CA CYS A 287 -16.97 14.90 16.29
C CYS A 287 -17.20 15.24 17.76
N LYS A 288 -16.61 16.34 18.21
CA LYS A 288 -16.68 16.73 19.61
C LYS A 288 -18.10 17.15 19.98
N GLU A 289 -18.78 17.80 19.04
CA GLU A 289 -20.19 18.17 19.24
C GLU A 289 -21.06 16.91 19.40
N ALA A 290 -20.70 15.83 18.70
CA ALA A 290 -21.46 14.59 18.78
C ALA A 290 -20.98 13.66 19.91
N HIS A 291 -20.01 14.13 20.70
CA HIS A 291 -19.33 13.29 21.69
C HIS A 291 -18.86 11.97 21.05
N TYR A 292 -18.34 12.07 19.83
CA TYR A 292 -18.00 10.89 19.04
C TYR A 292 -16.64 10.31 19.40
N HIS A 293 -16.54 8.97 19.39
CA HIS A 293 -15.23 8.30 19.42
C HIS A 293 -15.18 7.13 18.43
N GLY A 294 -14.00 6.88 17.85
CA GLY A 294 -13.82 5.81 16.87
C GLY A 294 -13.01 6.33 15.69
N ALA A 295 -12.90 5.51 14.64
CA ALA A 295 -12.13 5.87 13.45
C ALA A 295 -13.03 6.08 12.21
N GLY A 296 -14.08 6.86 12.35
CA GLY A 296 -15.00 7.10 11.25
C GLY A 296 -14.59 8.21 10.32
N THR A 297 -15.54 8.72 9.55
CA THR A 297 -15.21 9.65 8.48
C THR A 297 -16.29 10.72 8.35
N VAL A 298 -15.86 11.97 8.18
CA VAL A 298 -16.80 13.08 7.92
C VAL A 298 -16.73 13.39 6.43
N GLU A 299 -17.85 13.18 5.74
CA GLU A 299 -17.89 13.36 4.28
C GLU A 299 -18.45 14.72 3.91
N TYR A 300 -17.92 15.26 2.81
CA TYR A 300 -18.31 16.58 2.32
C TYR A 300 -18.53 16.55 0.82
N LEU A 301 -19.34 17.48 0.31
CA LEU A 301 -19.36 17.73 -1.12
C LEU A 301 -18.57 19.01 -1.39
N VAL A 302 -17.91 19.07 -2.54
CA VAL A 302 -17.28 20.33 -2.95
C VAL A 302 -17.88 20.73 -4.30
N GLY A 303 -18.50 21.90 -4.34
CA GLY A 303 -19.16 22.38 -5.54
C GLY A 303 -18.17 22.84 -6.58
N GLN A 304 -18.65 23.14 -7.78
CA GLN A 304 -17.77 23.52 -8.88
C GLN A 304 -17.02 24.81 -8.59
N ASP A 305 -17.58 25.65 -7.73
CA ASP A 305 -16.94 26.92 -7.40
C ASP A 305 -16.09 26.80 -6.13
N GLY A 306 -15.92 25.57 -5.65
CA GLY A 306 -15.03 25.33 -4.53
C GLY A 306 -15.66 25.34 -3.15
N LEU A 307 -16.96 25.58 -3.09
CA LEU A 307 -17.68 25.59 -1.82
C LEU A 307 -17.67 24.23 -1.14
N ILE A 308 -17.23 24.19 0.11
CA ILE A 308 -17.29 22.94 0.91
C ILE A 308 -18.65 22.84 1.61
N SER A 309 -19.28 21.67 1.56
CA SER A 309 -20.56 21.45 2.24
C SER A 309 -20.59 20.10 2.97
N PHE A 310 -20.92 20.12 4.26
CA PHE A 310 -21.12 18.86 5.03
C PHE A 310 -22.15 17.91 4.42
N LEU A 311 -21.80 16.63 4.35
CA LEU A 311 -22.68 15.63 3.76
C LEU A 311 -23.21 14.66 4.82
N GLU A 312 -22.32 13.89 5.42
CA GLU A 312 -22.70 12.95 6.47
C GLU A 312 -21.49 12.46 7.25
N VAL A 313 -21.74 11.82 8.40
CA VAL A 313 -20.66 11.19 9.14
C VAL A 313 -20.84 9.69 9.03
N ASN A 314 -19.81 8.99 8.59
CA ASN A 314 -19.82 7.54 8.61
C ASN A 314 -19.16 7.10 9.90
N THR A 315 -19.89 6.33 10.68
CA THR A 315 -19.50 6.11 12.03
C THR A 315 -18.39 5.02 12.17
N ARG A 316 -18.30 4.17 11.16
CA ARG A 316 -17.45 2.99 11.13
C ARG A 316 -16.15 3.26 10.35
N LEU A 317 -15.23 2.29 10.35
CA LEU A 317 -14.08 2.38 9.45
C LEU A 317 -14.55 2.11 8.02
N GLN A 318 -14.19 2.98 7.08
CA GLN A 318 -14.63 2.83 5.70
C GLN A 318 -13.75 1.86 4.91
N VAL A 319 -14.34 1.29 3.86
CA VAL A 319 -13.68 0.46 2.89
C VAL A 319 -12.37 1.08 2.42
N GLU A 320 -12.42 2.38 2.09
CA GLU A 320 -11.27 3.05 1.46
C GLU A 320 -10.21 3.54 2.44
N HIS A 321 -10.28 3.11 3.70
CA HIS A 321 -9.26 3.49 4.67
C HIS A 321 -7.78 3.26 4.27
N PRO A 322 -7.48 2.22 3.46
CA PRO A 322 -6.05 2.03 3.14
C PRO A 322 -5.33 3.19 2.45
N VAL A 323 -5.99 4.02 1.63
CA VAL A 323 -5.22 5.10 0.97
C VAL A 323 -4.74 6.11 1.99
N THR A 324 -5.50 6.25 3.06
CA THR A 324 -5.07 7.10 4.16
C THR A 324 -3.93 6.45 4.94
N GLU A 325 -4.04 5.15 5.16
CA GLU A 325 -2.98 4.43 5.86
C GLU A 325 -1.65 4.59 5.15
N GLU A 326 -1.65 4.47 3.82
CA GLU A 326 -0.39 4.52 3.10
C GLU A 326 0.20 5.93 3.02
N THR A 327 -0.66 6.96 3.08
CA THR A 327 -0.15 8.33 2.95
C THR A 327 0.08 9.04 4.28
N ALA A 328 -0.79 8.76 5.26
CA ALA A 328 -0.66 9.32 6.60
C ALA A 328 0.29 8.52 7.50
N GLY A 329 0.53 7.26 7.16
CA GLY A 329 1.48 6.45 7.91
C GLY A 329 0.91 5.96 9.23
N ILE A 330 -0.41 5.78 9.27
CA ILE A 330 -1.07 5.41 10.51
C ILE A 330 -1.91 4.14 10.28
N ASP A 331 -1.74 3.14 11.15
CA ASP A 331 -2.57 1.93 11.07
C ASP A 331 -3.91 2.21 11.76
N LEU A 332 -4.99 2.34 10.98
CA LEU A 332 -6.25 2.81 11.54
C LEU A 332 -6.97 1.74 12.33
N VAL A 333 -6.79 0.46 11.99
CA VAL A 333 -7.44 -0.60 12.76
C VAL A 333 -6.80 -0.69 14.15
N LEU A 334 -5.48 -0.54 14.20
CA LEU A 334 -4.78 -0.49 15.49
C LEU A 334 -5.26 0.69 16.31
N GLN A 335 -5.57 1.82 15.66
CA GLN A 335 -6.18 2.95 16.38
C GLN A 335 -7.53 2.56 16.96
N GLN A 336 -8.33 1.82 16.20
CA GLN A 336 -9.63 1.35 16.69
C GLN A 336 -9.48 0.55 17.97
N PHE A 337 -8.52 -0.38 17.99
CA PHE A 337 -8.23 -1.16 19.20
C PHE A 337 -7.89 -0.22 20.35
N ARG A 338 -6.96 0.71 20.10
CA ARG A 338 -6.56 1.66 21.14
C ARG A 338 -7.75 2.47 21.69
N ILE A 339 -8.62 2.95 20.80
CA ILE A 339 -9.76 3.77 21.21
C ILE A 339 -10.72 2.93 22.04
N ALA A 340 -10.97 1.70 21.61
CA ALA A 340 -11.88 0.80 22.33
C ALA A 340 -11.33 0.37 23.69
N ASN A 341 -9.99 0.34 23.81
CA ASN A 341 -9.34 0.07 25.09
C ASN A 341 -9.35 1.27 26.05
N GLY A 342 -9.84 2.41 25.57
CA GLY A 342 -9.92 3.61 26.40
C GLY A 342 -8.65 4.43 26.46
N GLU A 343 -7.69 4.14 25.58
CA GLU A 343 -6.45 4.89 25.55
C GLU A 343 -6.68 6.30 25.01
N LYS A 344 -5.84 7.23 25.44
CA LYS A 344 -5.82 8.55 24.84
C LYS A 344 -5.09 8.43 23.51
N LEU A 345 -5.44 9.28 22.55
CA LEU A 345 -4.74 9.27 21.26
C LEU A 345 -3.23 9.44 21.46
N ASP A 346 -2.45 8.63 20.74
CA ASP A 346 -0.99 8.80 20.71
C ASP A 346 -0.51 9.62 19.51
N ILE A 347 -1.46 10.24 18.81
CA ILE A 347 -1.16 11.15 17.70
C ILE A 347 -1.63 12.53 18.15
N THR A 348 -0.72 13.50 18.11
CA THR A 348 -0.95 14.80 18.72
C THR A 348 -1.39 15.86 17.70
N GLU A 349 -1.18 15.59 16.43
CA GLU A 349 -1.57 16.54 15.38
C GLU A 349 -1.86 15.84 14.06
N ASP A 350 -2.59 16.53 13.18
CA ASP A 350 -2.90 16.00 11.86
C ASP A 350 -1.59 15.68 11.17
N PRO A 351 -1.41 14.43 10.73
CA PRO A 351 -0.14 14.10 10.07
C PRO A 351 -0.08 14.65 8.65
N THR A 352 1.13 14.98 8.19
CA THR A 352 1.32 15.47 6.84
C THR A 352 1.39 14.27 5.90
N PRO A 353 0.65 14.32 4.78
CA PRO A 353 0.63 13.15 3.90
C PRO A 353 1.99 12.99 3.23
N ARG A 354 2.43 11.75 3.06
CA ARG A 354 3.67 11.48 2.34
C ARG A 354 3.32 10.71 1.06
N GLY A 355 3.58 11.32 -0.09
CA GLY A 355 3.20 10.72 -1.37
C GLY A 355 1.69 10.75 -1.60
N HIS A 356 1.23 9.93 -2.55
CA HIS A 356 -0.16 9.92 -2.99
C HIS A 356 -0.56 8.46 -3.17
N ALA A 357 -1.78 8.11 -2.82
CA ALA A 357 -2.27 6.73 -2.99
C ALA A 357 -3.64 6.70 -3.64
N ILE A 358 -3.85 5.69 -4.49
CA ILE A 358 -5.13 5.50 -5.15
C ILE A 358 -5.61 4.07 -4.94
N GLU A 359 -6.88 3.91 -4.55
CA GLU A 359 -7.49 2.59 -4.38
C GLU A 359 -8.48 2.23 -5.49
N PHE A 360 -8.44 0.98 -5.95
CA PHE A 360 -9.37 0.50 -6.97
C PHE A 360 -10.09 -0.70 -6.39
N ARG A 361 -11.42 -0.63 -6.35
CA ARG A 361 -12.23 -1.74 -5.82
C ARG A 361 -12.39 -2.79 -6.89
N ILE A 362 -11.92 -4.00 -6.61
CA ILE A 362 -11.98 -5.06 -7.59
C ILE A 362 -13.31 -5.79 -7.40
N ASN A 363 -14.39 -5.20 -7.93
CA ASN A 363 -15.74 -5.76 -7.84
C ASN A 363 -16.00 -6.77 -8.95
N GLY A 364 -16.72 -7.85 -8.62
CA GLY A 364 -17.17 -8.79 -9.63
C GLY A 364 -18.43 -8.24 -10.28
N GLU A 365 -18.24 -7.22 -11.10
CA GLU A 365 -19.30 -6.53 -11.83
C GLU A 365 -18.79 -6.31 -13.25
N ASP A 366 -19.70 -6.25 -14.22
CA ASP A 366 -19.33 -6.09 -15.63
C ASP A 366 -19.64 -4.68 -16.15
N ALA A 367 -18.59 -3.88 -16.33
CA ALA A 367 -18.76 -2.49 -16.74
C ALA A 367 -19.38 -2.40 -18.12
N GLY A 368 -19.26 -3.47 -18.90
CA GLY A 368 -19.86 -3.51 -20.23
C GLY A 368 -21.31 -3.92 -20.15
N ARG A 369 -21.80 -4.19 -18.94
CA ARG A 369 -23.22 -4.51 -18.75
C ARG A 369 -23.78 -3.77 -17.53
N ASN A 370 -23.67 -2.45 -17.59
CA ASN A 370 -24.13 -1.55 -16.53
C ASN A 370 -23.71 -1.92 -15.12
N PHE A 371 -22.51 -2.50 -15.01
CA PHE A 371 -21.93 -2.85 -13.71
C PHE A 371 -22.74 -3.90 -12.95
N LEU A 372 -23.47 -4.73 -13.68
CA LEU A 372 -24.22 -5.81 -13.05
C LEU A 372 -23.29 -6.87 -12.53
N PRO A 373 -23.53 -7.32 -11.29
CA PRO A 373 -22.71 -8.41 -10.76
C PRO A 373 -23.02 -9.70 -11.49
N ALA A 374 -22.03 -10.59 -11.61
CA ALA A 374 -22.23 -11.88 -12.26
C ALA A 374 -21.38 -12.97 -11.63
N PRO A 375 -21.99 -13.78 -10.74
CA PRO A 375 -21.31 -14.84 -10.01
C PRO A 375 -20.59 -15.81 -10.92
N GLY A 376 -19.57 -16.47 -10.39
CA GLY A 376 -18.79 -17.43 -11.16
C GLY A 376 -17.58 -17.81 -10.35
N PRO A 377 -16.76 -18.73 -10.88
CA PRO A 377 -15.54 -19.17 -10.19
C PRO A 377 -14.40 -18.16 -10.35
N VAL A 378 -13.60 -17.95 -9.30
CA VAL A 378 -12.32 -17.28 -9.45
C VAL A 378 -11.28 -18.33 -9.90
N THR A 379 -11.28 -18.62 -11.18
CA THR A 379 -10.40 -19.64 -11.75
C THR A 379 -8.92 -19.26 -11.64
N LYS A 380 -8.64 -17.99 -11.78
CA LYS A 380 -7.29 -17.50 -11.54
C LYS A 380 -7.36 -16.15 -10.86
N PHE A 381 -6.67 -16.02 -9.74
CA PHE A 381 -6.53 -14.72 -9.09
C PHE A 381 -5.05 -14.39 -9.01
N HIS A 382 -4.59 -13.51 -9.90
CA HIS A 382 -3.16 -13.15 -9.98
C HIS A 382 -2.97 -11.66 -9.69
N PRO A 383 -2.82 -11.30 -8.41
CA PRO A 383 -2.73 -9.88 -8.06
C PRO A 383 -1.32 -9.35 -8.30
N PRO A 384 -1.20 -8.04 -8.49
CA PRO A 384 0.13 -7.51 -8.76
C PRO A 384 0.89 -7.38 -7.45
N SER A 385 2.19 -7.09 -7.55
CA SER A 385 2.98 -6.80 -6.37
C SER A 385 4.18 -5.96 -6.77
N GLY A 386 5.15 -5.81 -5.89
CA GLY A 386 6.28 -4.97 -6.21
C GLY A 386 6.08 -3.56 -5.68
N PRO A 387 6.89 -2.61 -6.16
CA PRO A 387 6.93 -1.27 -5.56
C PRO A 387 5.60 -0.51 -5.66
N GLY A 388 5.17 0.00 -4.51
CA GLY A 388 4.00 0.87 -4.41
C GLY A 388 2.69 0.10 -4.34
N VAL A 389 2.77 -1.23 -4.25
CA VAL A 389 1.55 -2.04 -4.38
C VAL A 389 1.14 -2.66 -3.07
N ARG A 390 -0.10 -2.41 -2.68
CA ARG A 390 -0.72 -3.09 -1.56
C ARG A 390 -2.00 -3.74 -2.06
N VAL A 391 -2.20 -5.00 -1.69
CA VAL A 391 -3.45 -5.68 -2.06
C VAL A 391 -4.15 -6.19 -0.81
N ASP A 392 -5.39 -5.75 -0.62
CA ASP A 392 -6.23 -6.23 0.47
C ASP A 392 -7.31 -7.11 -0.17
N SER A 393 -7.13 -8.43 -0.13
CA SER A 393 -8.04 -9.34 -0.83
C SER A 393 -8.92 -10.17 0.12
N GLY A 394 -10.06 -10.63 -0.38
CA GLY A 394 -10.91 -11.54 0.38
C GLY A 394 -11.10 -12.83 -0.40
N VAL A 395 -10.35 -12.99 -1.49
CA VAL A 395 -10.48 -14.16 -2.33
C VAL A 395 -9.11 -14.66 -2.74
N GLU A 396 -9.08 -15.84 -3.36
CA GLU A 396 -7.87 -16.35 -4.00
C GLU A 396 -8.29 -17.30 -5.13
N THR A 397 -7.32 -17.78 -5.91
CA THR A 397 -7.59 -18.79 -6.94
C THR A 397 -8.40 -19.95 -6.36
N GLY A 398 -9.49 -20.32 -7.03
CA GLY A 398 -10.36 -21.37 -6.51
C GLY A 398 -11.58 -20.87 -5.72
N SER A 399 -11.54 -19.61 -5.28
CA SER A 399 -12.69 -19.01 -4.59
C SER A 399 -13.92 -19.09 -5.46
N VAL A 400 -15.08 -19.24 -4.83
CA VAL A 400 -16.34 -19.33 -5.55
C VAL A 400 -17.22 -18.15 -5.19
N ILE A 401 -17.54 -17.34 -6.20
CA ILE A 401 -18.39 -16.17 -5.97
C ILE A 401 -19.84 -16.53 -6.27
N GLY A 402 -20.67 -16.54 -5.23
CA GLY A 402 -22.11 -16.69 -5.40
C GLY A 402 -22.71 -15.30 -5.39
N GLY A 403 -24.03 -15.20 -5.46
CA GLY A 403 -24.65 -13.89 -5.49
C GLY A 403 -25.21 -13.45 -4.16
N GLN A 404 -24.83 -14.15 -3.08
CA GLN A 404 -25.45 -13.89 -1.78
C GLN A 404 -24.93 -12.61 -1.13
N PHE A 405 -23.70 -12.23 -1.48
CA PHE A 405 -23.03 -11.13 -0.79
C PHE A 405 -22.54 -10.04 -1.76
N ASP A 406 -21.87 -9.02 -1.22
CA ASP A 406 -21.33 -7.92 -2.00
C ASP A 406 -20.38 -8.43 -3.09
N SER A 407 -20.21 -7.65 -4.16
CA SER A 407 -19.43 -8.11 -5.32
C SER A 407 -17.94 -7.89 -5.14
N MET A 408 -17.56 -7.27 -4.03
CA MET A 408 -16.17 -6.92 -3.77
C MET A 408 -15.25 -8.14 -3.62
N LEU A 409 -14.26 -8.26 -4.49
CA LEU A 409 -13.31 -9.37 -4.37
C LEU A 409 -12.09 -8.97 -3.56
N ALA A 410 -11.61 -7.74 -3.79
CA ALA A 410 -10.31 -7.31 -3.28
C ALA A 410 -10.17 -5.82 -3.58
N LYS A 411 -9.19 -5.18 -2.97
CA LYS A 411 -8.89 -3.79 -3.30
C LYS A 411 -7.41 -3.68 -3.68
N LEU A 412 -7.14 -2.93 -4.74
CA LEU A 412 -5.76 -2.64 -5.13
C LEU A 412 -5.41 -1.23 -4.66
N ILE A 413 -4.36 -1.09 -3.87
CA ILE A 413 -3.98 0.23 -3.40
C ILE A 413 -2.56 0.54 -3.90
N VAL A 414 -2.41 1.65 -4.61
CA VAL A 414 -1.14 1.98 -5.23
C VAL A 414 -0.61 3.29 -4.67
N HIS A 415 0.64 3.30 -4.21
CA HIS A 415 1.24 4.49 -3.56
C HIS A 415 2.45 4.97 -4.35
N GLY A 416 2.57 6.28 -4.54
CA GLY A 416 3.70 6.85 -5.26
C GLY A 416 4.11 8.17 -4.63
N ALA A 417 5.22 8.73 -5.06
CA ALA A 417 5.74 9.98 -4.47
C ALA A 417 4.84 11.18 -4.72
N ASP A 418 4.05 11.13 -5.78
CA ASP A 418 3.05 12.16 -6.08
C ASP A 418 1.96 11.55 -6.93
N ARG A 419 0.91 12.32 -7.24
CA ARG A 419 -0.23 11.78 -7.97
C ARG A 419 0.15 11.23 -9.33
N ALA A 420 1.01 11.94 -10.05
CA ALA A 420 1.51 11.43 -11.32
C ALA A 420 2.22 10.08 -11.17
N GLU A 421 3.10 9.95 -10.18
CA GLU A 421 3.77 8.67 -10.01
C GLU A 421 2.79 7.57 -9.60
N ALA A 422 1.80 7.91 -8.77
CA ALA A 422 0.80 6.94 -8.36
C ALA A 422 -0.03 6.45 -9.54
N LEU A 423 -0.42 7.37 -10.41
CA LEU A 423 -1.16 7.02 -11.61
C LEU A 423 -0.34 6.10 -12.53
N ALA A 424 0.93 6.46 -12.75
CA ALA A 424 1.83 5.59 -13.53
C ALA A 424 1.96 4.20 -12.94
N ARG A 425 2.13 4.11 -11.62
CA ARG A 425 2.23 2.78 -10.97
C ARG A 425 0.92 2.02 -11.07
N ALA A 426 -0.19 2.75 -11.05
CA ALA A 426 -1.52 2.13 -11.13
C ALA A 426 -1.75 1.52 -12.51
N ARG A 427 -1.34 2.24 -13.55
CA ARG A 427 -1.41 1.67 -14.91
C ARG A 427 -0.63 0.36 -14.98
N ARG A 428 0.56 0.35 -14.39
CA ARG A 428 1.43 -0.85 -14.39
C ARG A 428 0.83 -2.01 -13.58
N ALA A 429 0.30 -1.69 -12.40
CA ALA A 429 -0.23 -2.72 -11.51
C ALA A 429 -1.54 -3.31 -12.05
N LEU A 430 -2.42 -2.43 -12.56
CA LEU A 430 -3.67 -2.89 -13.18
C LEU A 430 -3.40 -3.72 -14.43
N ASN A 431 -2.29 -3.42 -15.12
CA ASN A 431 -1.90 -4.21 -16.28
C ASN A 431 -1.52 -5.65 -15.89
N GLU A 432 -0.95 -5.82 -14.70
CA GLU A 432 -0.52 -7.14 -14.22
C GLU A 432 -1.66 -7.90 -13.58
N PHE A 433 -2.70 -7.19 -13.17
CA PHE A 433 -3.76 -7.80 -12.37
C PHE A 433 -4.56 -8.77 -13.23
N GLY A 434 -4.43 -10.05 -12.96
CA GLY A 434 -5.16 -11.06 -13.71
C GLY A 434 -6.25 -11.68 -12.86
N VAL A 435 -7.50 -11.53 -13.29
CA VAL A 435 -8.61 -12.28 -12.71
C VAL A 435 -9.35 -12.98 -13.84
N GLU A 436 -9.46 -14.31 -13.75
CA GLU A 436 -10.15 -15.09 -14.78
C GLU A 436 -11.30 -15.91 -14.16
N GLY A 437 -12.34 -16.15 -14.96
CA GLY A 437 -13.44 -17.00 -14.53
C GLY A 437 -14.75 -16.26 -14.36
N LEU A 438 -14.67 -14.94 -14.12
CA LEU A 438 -15.86 -14.12 -13.95
C LEU A 438 -15.53 -12.66 -14.27
N ALA A 439 -16.56 -11.88 -14.56
CA ALA A 439 -16.36 -10.47 -14.91
C ALA A 439 -15.87 -9.69 -13.70
N THR A 440 -14.95 -8.76 -13.93
CA THR A 440 -14.61 -7.75 -12.92
C THR A 440 -14.56 -6.36 -13.54
N VAL A 441 -14.44 -5.34 -12.69
CA VAL A 441 -14.36 -3.97 -13.18
C VAL A 441 -12.91 -3.56 -13.50
N ILE A 442 -11.97 -4.50 -13.49
CA ILE A 442 -10.59 -4.14 -13.85
C ILE A 442 -10.46 -3.39 -15.18
N PRO A 443 -11.22 -3.81 -16.22
CA PRO A 443 -11.16 -3.00 -17.44
C PRO A 443 -11.62 -1.56 -17.25
N PHE A 444 -12.56 -1.30 -16.36
CA PHE A 444 -12.94 0.09 -16.05
C PHE A 444 -11.78 0.85 -15.43
N HIS A 445 -11.14 0.25 -14.43
CA HIS A 445 -10.03 0.91 -13.77
C HIS A 445 -8.89 1.21 -14.75
N ARG A 446 -8.60 0.26 -15.63
CA ARG A 446 -7.56 0.46 -16.65
C ARG A 446 -7.87 1.67 -17.54
N ALA A 447 -9.14 1.82 -17.89
CA ALA A 447 -9.56 2.96 -18.69
C ALA A 447 -9.43 4.27 -17.93
N VAL A 448 -9.97 4.32 -16.71
CA VAL A 448 -10.06 5.60 -15.99
C VAL A 448 -8.68 6.19 -15.62
N VAL A 449 -7.69 5.33 -15.35
CA VAL A 449 -6.38 5.85 -14.97
C VAL A 449 -5.66 6.47 -16.14
N SER A 450 -6.18 6.26 -17.35
CA SER A 450 -5.63 6.96 -18.51
C SER A 450 -6.61 7.91 -19.16
N ASP A 451 -7.68 8.25 -18.45
CA ASP A 451 -8.69 9.16 -18.98
C ASP A 451 -8.35 10.59 -18.61
N PRO A 452 -8.27 11.49 -19.61
CA PRO A 452 -7.86 12.88 -19.33
C PRO A 452 -8.74 13.59 -18.30
N ALA A 453 -10.01 13.19 -18.17
CA ALA A 453 -10.86 13.79 -17.14
C ALA A 453 -10.37 13.50 -15.71
N PHE A 454 -9.79 12.32 -15.51
CA PHE A 454 -9.29 11.91 -14.19
C PHE A 454 -7.84 12.34 -13.99
N ILE A 455 -7.03 12.23 -15.03
CA ILE A 455 -5.65 12.71 -14.95
C ILE A 455 -5.62 14.22 -14.67
N GLY A 456 -6.42 14.97 -15.44
CA GLY A 456 -6.53 16.40 -15.22
C GLY A 456 -5.24 17.10 -15.59
N ASP A 457 -5.02 18.28 -15.00
CA ASP A 457 -3.79 19.04 -15.20
C ASP A 457 -3.35 19.72 -13.89
N ALA A 458 -2.50 20.73 -14.00
CA ALA A 458 -2.00 21.41 -12.80
C ALA A 458 -3.13 22.12 -12.05
N ASN A 459 -4.12 22.61 -12.80
CA ASN A 459 -5.24 23.34 -12.19
C ASN A 459 -6.33 22.45 -11.59
N GLY A 460 -6.34 21.18 -11.96
CA GLY A 460 -7.30 20.25 -11.37
C GLY A 460 -7.74 19.18 -12.34
N PHE A 461 -8.86 18.52 -12.03
CA PHE A 461 -9.43 17.50 -12.92
C PHE A 461 -10.91 17.76 -13.24
N SER A 462 -11.56 16.82 -13.94
CA SER A 462 -12.92 17.06 -14.47
C SER A 462 -13.94 16.02 -14.02
N VAL A 463 -13.58 15.19 -13.03
CA VAL A 463 -14.51 14.16 -12.58
C VAL A 463 -15.37 14.70 -11.45
N HIS A 464 -16.42 13.95 -11.12
CA HIS A 464 -17.41 14.36 -10.13
C HIS A 464 -18.33 13.17 -9.90
N THR A 465 -19.25 13.26 -8.93
CA THR A 465 -20.02 12.09 -8.51
C THR A 465 -20.97 11.48 -9.55
N ARG A 466 -21.26 12.23 -10.64
CA ARG A 466 -22.12 11.75 -11.72
C ARG A 466 -21.33 11.46 -13.02
N TRP A 467 -20.01 11.58 -12.95
CA TRP A 467 -19.16 11.46 -14.14
C TRP A 467 -19.21 10.07 -14.78
N ILE A 468 -19.03 9.03 -13.97
CA ILE A 468 -19.01 7.67 -14.51
C ILE A 468 -20.29 7.37 -15.29
N GLU A 469 -21.43 7.77 -14.73
CA GLU A 469 -22.72 7.46 -15.35
C GLU A 469 -23.11 8.37 -16.52
N THR A 470 -22.65 9.61 -16.53
CA THR A 470 -23.15 10.58 -17.50
C THR A 470 -22.14 11.14 -18.50
N GLU A 471 -20.85 10.92 -18.27
CA GLU A 471 -19.82 11.53 -19.13
C GLU A 471 -18.75 10.58 -19.63
N TRP A 472 -18.31 9.66 -18.79
CA TRP A 472 -17.29 8.69 -19.17
C TRP A 472 -17.73 7.94 -20.43
N ASN A 473 -16.81 7.84 -21.39
CA ASN A 473 -17.08 7.14 -22.64
C ASN A 473 -16.81 5.66 -22.44
N ASN A 474 -17.88 4.91 -22.18
CA ASN A 474 -17.76 3.49 -21.88
C ASN A 474 -17.61 2.70 -23.16
N THR A 475 -16.41 2.17 -23.38
CA THR A 475 -16.17 1.26 -24.50
C THR A 475 -15.73 -0.10 -24.00
N ILE A 476 -16.11 -0.44 -22.77
CA ILE A 476 -15.77 -1.75 -22.22
C ILE A 476 -16.58 -2.86 -22.86
N GLU A 477 -15.89 -3.86 -23.40
CA GLU A 477 -16.56 -5.01 -23.99
C GLU A 477 -17.11 -5.90 -22.89
N PRO A 478 -18.36 -6.38 -23.06
CA PRO A 478 -18.93 -7.27 -22.05
C PRO A 478 -18.08 -8.51 -21.86
N PHE A 479 -18.12 -9.07 -20.65
CA PHE A 479 -17.42 -10.31 -20.35
C PHE A 479 -18.16 -11.48 -21.00
N ALA B 24 21.07 12.12 -25.96
CA ALA B 24 20.39 10.86 -26.22
C ALA B 24 19.52 10.43 -25.03
N ARG B 25 18.31 9.95 -25.31
CA ARG B 25 17.41 9.52 -24.25
C ARG B 25 16.96 8.05 -24.39
N ILE B 26 16.76 7.37 -23.26
CA ILE B 26 16.34 5.97 -23.26
C ILE B 26 14.99 5.87 -23.94
N SER B 27 14.85 4.97 -24.91
CA SER B 27 13.54 4.78 -25.57
C SER B 27 13.09 3.35 -25.46
N LYS B 28 14.03 2.44 -25.27
CA LYS B 28 13.71 1.04 -25.04
C LYS B 28 14.80 0.40 -24.20
N VAL B 29 14.41 -0.27 -23.13
CA VAL B 29 15.41 -0.76 -22.18
C VAL B 29 15.49 -2.29 -22.13
N LEU B 30 16.71 -2.80 -22.30
CA LEU B 30 16.95 -4.22 -22.18
C LEU B 30 17.48 -4.47 -20.78
N VAL B 31 16.87 -5.44 -20.10
CA VAL B 31 17.29 -5.78 -18.74
C VAL B 31 18.21 -7.01 -18.79
N ALA B 32 19.50 -6.76 -18.61
CA ALA B 32 20.51 -7.82 -18.78
C ALA B 32 20.65 -8.58 -17.47
N ASN B 33 19.57 -9.27 -17.08
CA ASN B 33 19.51 -9.96 -15.80
C ASN B 33 18.30 -10.90 -15.77
N ARG B 34 18.02 -11.46 -14.59
CA ARG B 34 16.98 -12.46 -14.41
C ARG B 34 16.39 -12.28 -13.03
N GLY B 35 15.46 -13.15 -12.64
CA GLY B 35 15.06 -13.21 -11.24
C GLY B 35 14.29 -11.99 -10.78
N GLU B 36 14.37 -11.69 -9.48
CA GLU B 36 13.59 -10.59 -8.92
C GLU B 36 14.06 -9.21 -9.38
N ILE B 37 15.35 -9.04 -9.62
CA ILE B 37 15.81 -7.72 -10.08
C ILE B 37 15.30 -7.43 -11.49
N ALA B 38 15.24 -8.47 -12.32
CA ALA B 38 14.71 -8.30 -13.67
C ALA B 38 13.26 -7.81 -13.62
N VAL B 39 12.45 -8.50 -12.83
CA VAL B 39 11.06 -8.09 -12.64
C VAL B 39 10.97 -6.64 -12.14
N ARG B 40 11.80 -6.32 -11.16
CA ARG B 40 11.82 -4.96 -10.58
C ARG B 40 12.10 -3.90 -11.64
N VAL B 41 13.08 -4.14 -12.50
CA VAL B 41 13.44 -3.14 -13.51
C VAL B 41 12.38 -3.05 -14.60
N ILE B 42 11.84 -4.22 -14.98
CA ILE B 42 10.74 -4.29 -15.94
C ILE B 42 9.54 -3.45 -15.45
N ARG B 43 9.20 -3.59 -14.17
CA ARG B 43 8.10 -2.78 -13.60
C ARG B 43 8.41 -1.28 -13.65
N ALA B 44 9.65 -0.90 -13.36
CA ALA B 44 10.03 0.49 -13.46
C ALA B 44 9.92 1.03 -14.88
N ALA B 45 10.32 0.22 -15.86
CA ALA B 45 10.24 0.64 -17.25
C ALA B 45 8.78 0.96 -17.58
N ARG B 46 7.89 0.07 -17.15
CA ARG B 46 6.46 0.27 -17.40
C ARG B 46 5.93 1.53 -16.66
N ASP B 47 6.43 1.78 -15.45
CA ASP B 47 6.05 3.01 -14.73
C ASP B 47 6.48 4.25 -15.53
N ALA B 48 7.62 4.12 -16.20
CA ALA B 48 8.24 5.23 -16.91
C ALA B 48 7.68 5.39 -18.32
N GLY B 49 6.86 4.43 -18.73
CA GLY B 49 6.32 4.45 -20.09
C GLY B 49 7.33 3.97 -21.12
N LEU B 50 8.34 3.21 -20.67
CA LEU B 50 9.38 2.72 -21.59
C LEU B 50 9.20 1.25 -21.91
N PRO B 51 9.16 0.89 -23.21
CA PRO B 51 9.12 -0.54 -23.54
C PRO B 51 10.34 -1.28 -22.99
N SER B 52 10.12 -2.50 -22.49
CA SER B 52 11.18 -3.29 -21.86
C SER B 52 11.51 -4.58 -22.63
N VAL B 53 12.75 -5.05 -22.50
CA VAL B 53 13.17 -6.28 -23.17
C VAL B 53 13.79 -7.22 -22.14
N ALA B 54 13.21 -8.41 -22.00
CA ALA B 54 13.80 -9.42 -21.13
C ALA B 54 14.78 -10.26 -21.94
N VAL B 55 15.76 -10.85 -21.26
CA VAL B 55 16.59 -11.89 -21.86
C VAL B 55 16.57 -13.08 -20.91
N TYR B 56 16.80 -14.28 -21.45
CA TYR B 56 16.79 -15.48 -20.64
C TYR B 56 17.71 -16.57 -21.18
N ALA B 57 18.38 -17.25 -20.26
CA ALA B 57 19.06 -18.51 -20.55
C ALA B 57 17.99 -19.59 -20.66
N GLU B 58 18.34 -20.73 -21.22
CA GLU B 58 17.38 -21.84 -21.41
C GLU B 58 16.61 -22.29 -20.14
N PRO B 59 17.32 -22.48 -19.01
CA PRO B 59 16.56 -22.84 -17.80
C PRO B 59 15.55 -21.79 -17.32
N ASP B 60 15.64 -20.56 -17.81
CA ASP B 60 14.79 -19.47 -17.31
C ASP B 60 13.63 -19.12 -18.26
N ALA B 61 13.46 -19.91 -19.32
CA ALA B 61 12.45 -19.60 -20.35
C ALA B 61 11.03 -19.36 -19.80
N GLU B 62 10.75 -19.89 -18.61
CA GLU B 62 9.42 -19.75 -18.04
C GLU B 62 9.40 -18.85 -16.80
N SER B 63 10.51 -18.16 -16.53
CA SER B 63 10.60 -17.25 -15.40
C SER B 63 9.57 -16.14 -15.53
N PRO B 64 9.03 -15.67 -14.40
CA PRO B 64 8.10 -14.53 -14.40
C PRO B 64 8.60 -13.35 -15.22
N HIS B 65 9.90 -13.04 -15.12
CA HIS B 65 10.38 -11.84 -15.79
C HIS B 65 10.27 -11.92 -17.31
N VAL B 66 10.33 -13.13 -17.86
CA VAL B 66 10.30 -13.31 -19.31
C VAL B 66 8.99 -12.83 -19.95
N ARG B 67 7.86 -13.22 -19.36
CA ARG B 67 6.58 -12.81 -19.91
C ARG B 67 6.12 -11.44 -19.42
N LEU B 68 6.73 -10.95 -18.33
CA LEU B 68 6.32 -9.66 -17.78
C LEU B 68 6.80 -8.52 -18.66
N ALA B 69 7.95 -8.71 -19.31
CA ALA B 69 8.50 -7.66 -20.18
C ALA B 69 7.66 -7.53 -21.44
N ASP B 70 7.82 -6.42 -22.15
CA ASP B 70 7.08 -6.22 -23.40
C ASP B 70 7.53 -7.19 -24.48
N GLU B 71 8.82 -7.52 -24.48
CA GLU B 71 9.42 -8.51 -25.40
C GLU B 71 10.42 -9.32 -24.61
N ALA B 72 10.70 -10.53 -25.08
CA ALA B 72 11.73 -11.37 -24.49
C ALA B 72 12.60 -11.99 -25.59
N PHE B 73 13.91 -12.09 -25.35
CA PHE B 73 14.83 -12.75 -26.31
C PHE B 73 15.62 -13.89 -25.66
N ALA B 74 15.64 -15.03 -26.34
CA ALA B 74 16.41 -16.17 -25.84
C ALA B 74 17.88 -15.92 -26.13
N LEU B 75 18.73 -16.15 -25.13
CA LEU B 75 20.15 -15.97 -25.30
C LEU B 75 20.75 -17.30 -25.73
N GLY B 76 20.03 -18.37 -25.39
CA GLY B 76 20.54 -19.72 -25.53
C GLY B 76 21.57 -19.95 -24.44
N GLY B 77 21.90 -21.22 -24.19
CA GLY B 77 22.85 -21.55 -23.15
C GLY B 77 22.19 -21.99 -21.86
N GLN B 78 22.93 -22.78 -21.08
CA GLN B 78 22.46 -23.29 -19.80
C GLN B 78 23.09 -22.52 -18.66
N THR B 79 24.37 -22.18 -18.82
CA THR B 79 25.15 -21.60 -17.73
C THR B 79 25.24 -20.09 -17.90
N SER B 80 25.57 -19.38 -16.83
CA SER B 80 25.70 -17.92 -16.87
C SER B 80 26.73 -17.50 -17.90
N ALA B 81 27.84 -18.23 -17.95
CA ALA B 81 28.91 -17.90 -18.88
C ALA B 81 28.43 -17.98 -20.31
N GLU B 82 27.52 -18.93 -20.58
CA GLU B 82 26.98 -19.12 -21.92
C GLU B 82 25.89 -18.12 -22.28
N SER B 83 25.35 -17.43 -21.27
CA SER B 83 24.18 -16.60 -21.50
C SER B 83 24.34 -15.19 -20.92
N TYR B 84 23.94 -15.01 -19.66
CA TYR B 84 23.90 -13.68 -19.05
C TYR B 84 25.26 -12.97 -18.97
N LEU B 85 26.34 -13.74 -18.94
CA LEU B 85 27.68 -13.16 -18.83
C LEU B 85 28.38 -12.93 -20.18
N ASP B 86 27.76 -13.39 -21.27
CA ASP B 86 28.32 -13.24 -22.61
C ASP B 86 28.03 -11.86 -23.19
N PHE B 87 29.07 -11.04 -23.36
CA PHE B 87 28.92 -9.68 -23.88
C PHE B 87 28.18 -9.66 -25.22
N ALA B 88 28.64 -10.49 -26.15
CA ALA B 88 28.12 -10.47 -27.51
C ALA B 88 26.65 -10.88 -27.59
N LYS B 89 26.23 -11.80 -26.75
CA LYS B 89 24.83 -12.22 -26.77
C LYS B 89 23.93 -11.10 -26.24
N ILE B 90 24.37 -10.44 -25.18
CA ILE B 90 23.56 -9.36 -24.59
C ILE B 90 23.43 -8.22 -25.59
N LEU B 91 24.57 -7.85 -26.18
CA LEU B 91 24.59 -6.78 -27.17
C LEU B 91 23.82 -7.15 -28.43
N ASP B 92 23.87 -8.43 -28.81
CA ASP B 92 23.08 -8.90 -29.94
C ASP B 92 21.57 -8.81 -29.64
N ALA B 93 21.16 -9.17 -28.43
CA ALA B 93 19.74 -9.07 -28.08
C ALA B 93 19.25 -7.62 -28.13
N ALA B 94 20.12 -6.69 -27.72
CA ALA B 94 19.81 -5.26 -27.80
C ALA B 94 19.63 -4.82 -29.26
N ALA B 95 20.53 -5.28 -30.13
CA ALA B 95 20.45 -4.88 -31.55
C ALA B 95 19.19 -5.43 -32.22
N LYS B 96 18.90 -6.71 -31.95
CA LYS B 96 17.73 -7.38 -32.52
C LYS B 96 16.41 -6.80 -32.01
N SER B 97 16.35 -6.51 -30.71
CA SER B 97 15.13 -5.99 -30.08
C SER B 97 14.93 -4.53 -30.39
N GLY B 98 16.03 -3.83 -30.68
CA GLY B 98 15.99 -2.40 -30.90
C GLY B 98 16.09 -1.57 -29.62
N ALA B 99 16.51 -2.20 -28.52
CA ALA B 99 16.74 -1.49 -27.28
C ALA B 99 17.88 -0.51 -27.46
N ASN B 100 17.78 0.68 -26.88
CA ASN B 100 18.87 1.66 -26.98
C ASN B 100 19.56 1.90 -25.64
N ALA B 101 19.19 1.09 -24.66
CA ALA B 101 19.75 1.20 -23.31
C ALA B 101 19.80 -0.16 -22.64
N ILE B 102 20.76 -0.35 -21.74
CA ILE B 102 20.86 -1.60 -20.99
C ILE B 102 20.93 -1.34 -19.50
N HIS B 103 20.02 -1.95 -18.76
CA HIS B 103 20.08 -1.95 -17.30
C HIS B 103 20.63 -3.30 -16.85
N PRO B 104 21.76 -3.30 -16.12
CA PRO B 104 22.44 -4.55 -15.75
C PRO B 104 21.93 -5.17 -14.46
N GLY B 105 21.00 -4.51 -13.78
CA GLY B 105 20.55 -4.98 -12.48
C GLY B 105 21.69 -4.93 -11.48
N TYR B 106 21.84 -6.02 -10.73
CA TYR B 106 22.97 -6.21 -9.81
C TYR B 106 23.51 -7.62 -10.06
N GLY B 107 24.78 -7.84 -9.73
CA GLY B 107 25.40 -9.11 -10.08
C GLY B 107 25.64 -9.16 -11.58
N PHE B 108 25.95 -10.35 -12.08
CA PHE B 108 26.28 -10.55 -13.48
C PHE B 108 27.24 -9.50 -14.03
N LEU B 109 26.78 -8.63 -14.92
CA LEU B 109 27.68 -7.67 -15.55
C LEU B 109 27.63 -6.25 -14.96
N ALA B 110 26.84 -6.07 -13.91
CA ALA B 110 26.61 -4.72 -13.34
C ALA B 110 27.90 -4.03 -12.88
N GLU B 111 28.87 -4.82 -12.43
CA GLU B 111 30.16 -4.27 -11.98
C GLU B 111 31.29 -4.56 -12.95
N ASN B 112 30.97 -4.84 -14.20
CA ASN B 112 31.99 -5.18 -15.18
C ASN B 112 32.29 -3.92 -16.01
N ALA B 113 33.41 -3.27 -15.71
CA ALA B 113 33.77 -2.04 -16.40
C ALA B 113 33.93 -2.27 -17.89
N ASP B 114 34.43 -3.44 -18.27
CA ASP B 114 34.64 -3.74 -19.68
C ASP B 114 33.33 -3.89 -20.44
N PHE B 115 32.33 -4.52 -19.81
CA PHE B 115 31.00 -4.57 -20.43
C PHE B 115 30.39 -3.17 -20.56
N ALA B 116 30.48 -2.39 -19.49
CA ALA B 116 30.03 -1.01 -19.51
C ALA B 116 30.58 -0.27 -20.73
N GLN B 117 31.88 -0.38 -20.94
CA GLN B 117 32.52 0.29 -22.06
C GLN B 117 32.04 -0.30 -23.39
N ALA B 118 31.75 -1.60 -23.39
CA ALA B 118 31.25 -2.26 -24.59
C ALA B 118 29.88 -1.71 -24.98
N VAL B 119 29.00 -1.60 -23.98
CA VAL B 119 27.67 -1.02 -24.17
C VAL B 119 27.79 0.38 -24.76
N ILE B 120 28.63 1.20 -24.14
CA ILE B 120 28.88 2.56 -24.62
C ILE B 120 29.43 2.60 -26.05
N ASP B 121 30.40 1.74 -26.35
CA ASP B 121 31.02 1.74 -27.69
C ASP B 121 30.02 1.28 -28.74
N ALA B 122 29.04 0.48 -28.34
CA ALA B 122 27.98 0.05 -29.24
C ALA B 122 26.93 1.12 -29.51
N GLY B 123 27.13 2.32 -28.94
CA GLY B 123 26.22 3.42 -29.13
C GLY B 123 24.97 3.35 -28.25
N LEU B 124 25.03 2.52 -27.21
CA LEU B 124 23.89 2.33 -26.30
C LEU B 124 24.04 3.15 -25.02
N ILE B 125 22.93 3.36 -24.32
CA ILE B 125 22.99 4.03 -23.02
C ILE B 125 23.23 3.00 -21.94
N TRP B 126 24.31 3.19 -21.17
CA TRP B 126 24.62 2.28 -20.08
C TRP B 126 23.97 2.85 -18.82
N ILE B 127 23.02 2.12 -18.25
CA ILE B 127 22.35 2.61 -17.04
C ILE B 127 23.16 2.21 -15.81
N GLY B 128 24.16 3.03 -15.51
CA GLY B 128 25.10 2.74 -14.43
C GLY B 128 26.24 3.73 -14.50
N PRO B 129 27.25 3.57 -13.63
CA PRO B 129 28.35 4.53 -13.54
C PRO B 129 29.36 4.38 -14.67
N SER B 130 30.22 5.37 -14.83
CA SER B 130 31.27 5.31 -15.86
C SER B 130 32.17 4.12 -15.61
N PRO B 131 32.67 3.51 -16.70
CA PRO B 131 33.64 2.43 -16.58
C PRO B 131 34.80 2.78 -15.65
N GLN B 132 35.35 3.99 -15.74
CA GLN B 132 36.51 4.35 -14.90
C GLN B 132 36.11 4.38 -13.41
N SER B 133 34.89 4.83 -13.13
CA SER B 133 34.36 4.79 -11.76
C SER B 133 34.29 3.37 -11.21
N ILE B 134 33.84 2.43 -12.05
CA ILE B 134 33.72 1.05 -11.60
C ILE B 134 35.09 0.47 -11.25
N ARG B 135 36.07 0.72 -12.11
CA ARG B 135 37.44 0.24 -11.84
C ARG B 135 38.04 0.88 -10.59
N ASP B 136 37.98 2.21 -10.49
CA ASP B 136 38.57 2.91 -9.37
C ASP B 136 37.94 2.45 -8.05
N LEU B 137 36.62 2.36 -8.02
CA LEU B 137 35.93 2.05 -6.77
C LEU B 137 35.96 0.56 -6.46
N GLY B 138 36.18 -0.26 -7.48
CA GLY B 138 36.27 -1.70 -7.30
C GLY B 138 37.65 -2.18 -6.85
N ASP B 139 38.64 -1.30 -6.88
CA ASP B 139 40.01 -1.64 -6.46
C ASP B 139 40.29 -1.06 -5.08
N LYS B 140 40.59 -1.94 -4.11
CA LYS B 140 40.74 -1.52 -2.71
C LYS B 140 41.72 -0.38 -2.47
N VAL B 141 42.88 -0.47 -3.11
CA VAL B 141 43.94 0.53 -3.00
C VAL B 141 43.50 1.87 -3.58
N THR B 142 43.03 1.85 -4.83
CA THR B 142 42.52 3.05 -5.47
C THR B 142 41.34 3.68 -4.69
N ALA B 143 40.45 2.83 -4.20
CA ALA B 143 39.29 3.30 -3.44
C ALA B 143 39.72 3.95 -2.13
N ARG B 144 40.77 3.41 -1.51
CA ARG B 144 41.30 4.00 -0.29
C ARG B 144 41.84 5.41 -0.54
N HIS B 145 42.52 5.60 -1.67
CA HIS B 145 43.01 6.93 -2.03
C HIS B 145 41.87 7.92 -2.29
N ILE B 146 40.83 7.43 -2.96
CA ILE B 146 39.64 8.25 -3.19
C ILE B 146 39.01 8.68 -1.87
N ALA B 147 38.89 7.74 -0.94
CA ALA B 147 38.28 8.02 0.35
C ALA B 147 39.11 9.01 1.16
N ALA B 148 40.43 8.89 1.07
CA ALA B 148 41.33 9.80 1.77
C ALA B 148 41.22 11.23 1.24
N ARG B 149 41.20 11.36 -0.08
CA ARG B 149 41.05 12.68 -0.70
C ARG B 149 39.70 13.28 -0.36
N ALA B 150 38.71 12.41 -0.13
CA ALA B 150 37.35 12.84 0.18
C ALA B 150 37.19 13.03 1.69
N GLN B 151 38.27 12.81 2.43
CA GLN B 151 38.30 13.06 3.87
C GLN B 151 37.26 12.23 4.59
N ALA B 152 37.14 10.97 4.18
CA ALA B 152 36.21 10.05 4.81
C ALA B 152 36.83 9.39 6.04
N PRO B 153 36.00 9.02 7.02
CA PRO B 153 36.51 8.35 8.23
C PRO B 153 37.14 6.99 7.91
N LEU B 154 38.38 6.79 8.35
CA LEU B 154 39.11 5.56 8.08
C LEU B 154 39.57 4.93 9.38
N VAL B 155 39.60 3.60 9.43
CA VAL B 155 40.15 2.88 10.58
C VAL B 155 41.61 3.30 10.76
N PRO B 156 41.93 3.88 11.93
CA PRO B 156 43.29 4.32 12.26
C PRO B 156 44.31 3.18 12.17
N TYR B 226 40.71 -1.43 16.75
CA TYR B 226 39.98 -2.64 16.36
C TYR B 226 38.49 -2.43 16.50
N LEU B 227 37.76 -2.75 15.44
CA LEU B 227 36.30 -2.61 15.43
C LEU B 227 35.62 -3.69 16.27
N ASP B 228 35.11 -3.27 17.42
CA ASP B 228 34.46 -4.16 18.37
C ASP B 228 33.01 -4.37 17.95
N LYS B 229 32.63 -5.64 17.73
CA LYS B 229 31.29 -6.04 17.25
C LYS B 229 30.62 -4.96 16.40
N PRO B 230 31.16 -4.71 15.20
CA PRO B 230 30.74 -3.57 14.38
C PRO B 230 29.39 -3.78 13.70
N ARG B 231 28.64 -2.70 13.49
CA ARG B 231 27.44 -2.75 12.68
C ARG B 231 27.80 -2.42 11.25
N HIS B 232 27.05 -2.95 10.29
CA HIS B 232 27.20 -2.58 8.88
C HIS B 232 26.15 -1.51 8.54
N VAL B 233 26.60 -0.28 8.34
CA VAL B 233 25.69 0.82 8.05
C VAL B 233 26.05 1.42 6.70
N GLU B 234 25.06 1.61 5.83
CA GLU B 234 25.35 2.08 4.48
C GLU B 234 24.46 3.24 4.07
N ALA B 235 24.99 4.09 3.18
CA ALA B 235 24.26 5.25 2.66
C ALA B 235 23.88 5.05 1.22
N GLN B 236 22.58 5.08 0.94
CA GLN B 236 22.09 5.02 -0.43
C GLN B 236 22.26 6.40 -1.06
N VAL B 237 22.99 6.48 -2.17
CA VAL B 237 23.16 7.77 -2.85
C VAL B 237 22.39 7.83 -4.15
N ILE B 238 22.12 9.06 -4.59
CA ILE B 238 21.63 9.32 -5.92
C ILE B 238 22.52 10.44 -6.46
N ALA B 239 23.24 10.17 -7.55
CA ALA B 239 24.24 11.10 -8.04
C ALA B 239 24.07 11.32 -9.53
N ASP B 240 23.82 12.56 -9.94
CA ASP B 240 23.61 12.82 -11.35
C ASP B 240 24.94 13.01 -12.08
N GLN B 241 24.86 13.24 -13.39
CA GLN B 241 26.08 13.46 -14.17
C GLN B 241 26.58 14.91 -14.07
N HIS B 242 26.07 15.65 -13.09
CA HIS B 242 26.35 17.09 -13.01
C HIS B 242 26.92 17.49 -11.66
N GLY B 243 27.39 16.50 -10.90
CA GLY B 243 28.03 16.76 -9.62
C GLY B 243 27.10 16.90 -8.43
N ASN B 244 25.80 16.76 -8.64
CA ASN B 244 24.82 16.81 -7.53
C ASN B 244 24.65 15.44 -6.89
N VAL B 245 24.71 15.37 -5.57
CA VAL B 245 24.56 14.09 -4.87
C VAL B 245 23.63 14.27 -3.68
N VAL B 246 22.63 13.40 -3.59
CA VAL B 246 21.74 13.36 -2.45
C VAL B 246 21.87 11.99 -1.79
N VAL B 247 21.84 11.96 -0.46
CA VAL B 247 21.76 10.69 0.25
C VAL B 247 20.30 10.39 0.57
N ALA B 248 19.78 9.34 -0.07
CA ALA B 248 18.38 9.00 0.05
C ALA B 248 18.04 8.47 1.44
N GLY B 249 19.05 7.93 2.12
CA GLY B 249 18.87 7.40 3.47
C GLY B 249 19.95 6.40 3.83
N THR B 250 19.90 5.89 5.06
CA THR B 250 20.81 4.84 5.49
C THR B 250 20.08 3.52 5.62
N ARG B 251 20.84 2.43 5.58
CA ARG B 251 20.34 1.11 5.92
C ARG B 251 21.33 0.42 6.87
N ASP B 252 20.80 -0.41 7.75
CA ASP B 252 21.63 -1.24 8.57
C ASP B 252 21.51 -2.67 8.07
N CYS B 253 22.66 -3.31 7.81
CA CYS B 253 22.67 -4.67 7.32
C CYS B 253 23.52 -5.56 8.22
N SER B 254 23.47 -5.30 9.52
CA SER B 254 24.28 -6.06 10.46
C SER B 254 23.95 -7.55 10.52
N LEU B 255 22.70 -7.91 10.22
CA LEU B 255 22.32 -9.33 10.20
C LEU B 255 22.81 -9.99 8.91
N GLN B 256 24.11 -10.24 8.88
CA GLN B 256 24.74 -10.92 7.76
C GLN B 256 25.53 -12.11 8.30
N ARG B 257 25.84 -13.05 7.41
CA ARG B 257 26.56 -14.25 7.80
C ARG B 257 27.69 -14.46 6.82
N ARG B 258 28.91 -14.36 7.33
CA ARG B 258 30.10 -14.33 6.48
C ARG B 258 29.91 -13.39 5.30
N TYR B 259 29.52 -12.16 5.65
CA TYR B 259 29.34 -11.04 4.72
C TYR B 259 28.12 -11.14 3.81
N GLN B 260 27.40 -12.25 3.90
CA GLN B 260 26.16 -12.44 3.14
C GLN B 260 24.99 -11.86 3.90
N LYS B 261 24.41 -10.80 3.34
CA LYS B 261 23.32 -10.08 3.98
C LYS B 261 22.03 -10.90 4.01
N LEU B 262 21.34 -10.92 5.15
CA LEU B 262 20.07 -11.64 5.26
C LEU B 262 18.88 -10.73 5.57
N VAL B 263 19.09 -9.77 6.48
CA VAL B 263 18.06 -8.81 6.85
C VAL B 263 18.64 -7.42 6.78
N GLU B 264 17.88 -6.50 6.18
CA GLU B 264 18.31 -5.10 6.10
C GLU B 264 17.16 -4.22 6.55
N GLU B 265 17.46 -3.08 7.18
CA GLU B 265 16.43 -2.16 7.61
C GLU B 265 16.80 -0.70 7.35
N ALA B 266 15.77 0.13 7.18
CA ALA B 266 15.95 1.56 6.94
C ALA B 266 14.92 2.34 7.76
N PRO B 267 15.33 3.48 8.34
CA PRO B 267 16.74 3.92 8.36
C PRO B 267 17.58 3.05 9.27
N ALA B 268 18.90 3.22 9.25
CA ALA B 268 19.74 2.53 10.21
C ALA B 268 19.33 3.06 11.57
N PRO B 269 18.95 2.17 12.49
CA PRO B 269 18.38 2.66 13.75
C PRO B 269 19.46 3.03 14.77
N PHE B 270 19.08 3.77 15.81
CA PHE B 270 19.96 3.97 16.97
C PHE B 270 21.28 4.66 16.62
N LEU B 271 21.18 5.77 15.88
CA LEU B 271 22.35 6.58 15.56
C LEU B 271 22.01 8.01 15.93
N THR B 272 23.01 8.77 16.38
CA THR B 272 22.78 10.16 16.70
C THR B 272 22.80 10.96 15.41
N ASP B 273 22.23 12.16 15.45
CA ASP B 273 22.20 12.99 14.26
C ASP B 273 23.63 13.29 13.82
N PHE B 274 24.56 13.34 14.76
CA PHE B 274 25.95 13.62 14.45
C PHE B 274 26.59 12.48 13.67
N GLN B 275 26.31 11.24 14.07
CA GLN B 275 26.75 10.09 13.30
C GLN B 275 26.11 10.06 11.91
N ARG B 276 24.81 10.33 11.83
CA ARG B 276 24.12 10.32 10.53
C ARG B 276 24.75 11.38 9.62
N LYS B 277 25.03 12.56 10.16
CA LYS B 277 25.64 13.61 9.35
C LYS B 277 27.02 13.24 8.84
N GLU B 278 27.84 12.61 9.68
CA GLU B 278 29.16 12.16 9.26
C GLU B 278 29.05 11.14 8.13
N ILE B 279 28.10 10.23 8.25
CA ILE B 279 27.90 9.22 7.23
C ILE B 279 27.37 9.83 5.93
N HIS B 280 26.34 10.66 6.03
CA HIS B 280 25.77 11.30 4.83
C HIS B 280 26.77 12.22 4.13
N ASP B 281 27.42 13.10 4.89
CA ASP B 281 28.38 14.02 4.29
C ASP B 281 29.56 13.30 3.65
N SER B 282 30.13 12.30 4.34
CA SER B 282 31.28 11.62 3.76
C SER B 282 30.89 10.86 2.49
N ALA B 283 29.68 10.29 2.47
CA ALA B 283 29.20 9.60 1.27
C ALA B 283 29.17 10.53 0.08
N LYS B 284 28.66 11.74 0.28
CA LYS B 284 28.61 12.73 -0.79
C LYS B 284 30.02 13.12 -1.25
N ARG B 285 30.92 13.34 -0.30
CA ARG B 285 32.32 13.69 -0.62
C ARG B 285 32.98 12.59 -1.44
N ILE B 286 32.76 11.34 -1.03
CA ILE B 286 33.33 10.20 -1.76
C ILE B 286 32.84 10.13 -3.20
N CYS B 287 31.54 10.23 -3.40
CA CYS B 287 30.99 10.18 -4.76
C CYS B 287 31.57 11.27 -5.64
N LYS B 288 31.66 12.47 -5.11
CA LYS B 288 32.16 13.60 -5.90
C LYS B 288 33.64 13.44 -6.22
N GLU B 289 34.42 12.93 -5.26
CA GLU B 289 35.84 12.73 -5.51
C GLU B 289 36.04 11.70 -6.61
N ALA B 290 35.16 10.70 -6.65
CA ALA B 290 35.25 9.64 -7.65
C ALA B 290 34.62 10.05 -8.99
N HIS B 291 34.04 11.25 -9.07
CA HIS B 291 33.26 11.67 -10.24
C HIS B 291 32.17 10.63 -10.53
N TYR B 292 31.54 10.13 -9.47
CA TYR B 292 30.58 9.04 -9.60
C TYR B 292 29.19 9.55 -9.98
N HIS B 293 28.49 8.82 -10.83
CA HIS B 293 27.06 9.04 -11.03
C HIS B 293 26.31 7.71 -11.02
N GLY B 294 25.06 7.74 -10.59
CA GLY B 294 24.24 6.54 -10.50
C GLY B 294 23.63 6.39 -9.13
N ALA B 295 22.97 5.26 -8.87
CA ALA B 295 22.31 5.01 -7.59
C ALA B 295 23.02 3.99 -6.71
N GLY B 296 24.31 4.17 -6.51
CA GLY B 296 25.08 3.26 -5.67
C GLY B 296 24.97 3.46 -4.17
N THR B 297 25.84 2.75 -3.44
CA THR B 297 25.81 2.76 -1.99
C THR B 297 27.22 2.87 -1.41
N VAL B 298 27.41 3.76 -0.44
CA VAL B 298 28.67 3.85 0.28
C VAL B 298 28.49 3.10 1.59
N GLU B 299 29.26 2.04 1.81
CA GLU B 299 29.14 1.21 3.02
C GLU B 299 30.17 1.57 4.08
N TYR B 300 29.74 1.46 5.34
CA TYR B 300 30.57 1.77 6.50
C TYR B 300 30.45 0.71 7.58
N LEU B 301 31.45 0.63 8.45
CA LEU B 301 31.33 -0.12 9.69
C LEU B 301 31.26 0.85 10.85
N VAL B 302 30.41 0.56 11.82
CA VAL B 302 30.30 1.37 13.03
C VAL B 302 30.54 0.48 14.25
N GLY B 303 31.60 0.75 15.01
CA GLY B 303 31.92 -0.05 16.19
C GLY B 303 31.07 0.27 17.40
N GLN B 304 31.17 -0.57 18.43
CA GLN B 304 30.39 -0.38 19.65
C GLN B 304 30.65 0.97 20.28
N ASP B 305 31.87 1.47 20.09
CA ASP B 305 32.28 2.76 20.63
C ASP B 305 31.75 3.93 19.79
N GLY B 306 31.04 3.62 18.72
CA GLY B 306 30.47 4.66 17.88
C GLY B 306 31.40 5.20 16.81
N LEU B 307 32.56 4.58 16.65
CA LEU B 307 33.53 4.96 15.62
C LEU B 307 33.13 4.47 14.22
N ILE B 308 33.18 5.39 13.26
CA ILE B 308 32.73 5.16 11.89
C ILE B 308 33.93 4.93 10.99
N SER B 309 33.84 3.93 10.14
CA SER B 309 34.92 3.60 9.22
C SER B 309 34.36 3.28 7.83
N PHE B 310 34.87 3.96 6.81
CA PHE B 310 34.52 3.66 5.42
C PHE B 310 34.90 2.23 5.08
N LEU B 311 34.03 1.53 4.37
CA LEU B 311 34.26 0.14 4.01
C LEU B 311 34.47 0.02 2.50
N GLU B 312 33.42 0.33 1.73
CA GLU B 312 33.51 0.32 0.27
C GLU B 312 32.32 1.00 -0.38
N VAL B 313 32.43 1.23 -1.69
CA VAL B 313 31.33 1.77 -2.47
C VAL B 313 30.87 0.67 -3.41
N ASN B 314 29.59 0.32 -3.34
CA ASN B 314 29.00 -0.57 -4.36
C ASN B 314 28.45 0.31 -5.47
N THR B 315 28.88 0.08 -6.71
CA THR B 315 28.63 1.02 -7.79
C THR B 315 27.21 0.93 -8.38
N ARG B 316 26.54 -0.18 -8.12
CA ARG B 316 25.28 -0.55 -8.74
C ARG B 316 24.15 -0.34 -7.75
N LEU B 317 22.91 -0.52 -8.22
CA LEU B 317 21.76 -0.52 -7.33
C LEU B 317 21.79 -1.80 -6.51
N GLN B 318 21.72 -1.69 -5.18
CA GLN B 318 21.82 -2.87 -4.34
C GLN B 318 20.53 -3.66 -4.20
N VAL B 319 20.67 -4.95 -3.89
CA VAL B 319 19.54 -5.79 -3.55
C VAL B 319 18.58 -5.11 -2.57
N GLU B 320 19.14 -4.54 -1.51
CA GLU B 320 18.30 -4.05 -0.41
C GLU B 320 17.75 -2.65 -0.63
N HIS B 321 17.78 -2.15 -1.87
CA HIS B 321 17.23 -0.84 -2.14
C HIS B 321 15.75 -0.60 -1.70
N PRO B 322 14.87 -1.63 -1.77
CA PRO B 322 13.47 -1.34 -1.41
C PRO B 322 13.20 -0.73 -0.04
N VAL B 323 13.97 -1.05 1.00
CA VAL B 323 13.67 -0.46 2.31
C VAL B 323 13.89 1.05 2.29
N THR B 324 14.81 1.52 1.44
CA THR B 324 15.02 2.94 1.28
C THR B 324 13.87 3.54 0.47
N GLU B 325 13.40 2.83 -0.54
CA GLU B 325 12.29 3.34 -1.36
C GLU B 325 11.05 3.54 -0.51
N GLU B 326 10.78 2.59 0.40
CA GLU B 326 9.58 2.66 1.23
C GLU B 326 9.63 3.75 2.31
N THR B 327 10.83 4.09 2.76
CA THR B 327 10.96 5.07 3.84
C THR B 327 11.30 6.47 3.32
N ALA B 328 12.15 6.54 2.29
CA ALA B 328 12.52 7.83 1.71
C ALA B 328 11.46 8.32 0.73
N GLY B 329 10.64 7.42 0.23
CA GLY B 329 9.60 7.76 -0.74
C GLY B 329 10.12 8.13 -2.12
N ILE B 330 11.20 7.48 -2.53
CA ILE B 330 11.82 7.75 -3.84
C ILE B 330 11.94 6.45 -4.61
N ASP B 331 11.52 6.45 -5.87
CA ASP B 331 11.71 5.27 -6.71
C ASP B 331 13.13 5.31 -7.27
N LEU B 332 14.01 4.45 -6.78
CA LEU B 332 15.42 4.54 -7.14
C LEU B 332 15.75 4.10 -8.57
N VAL B 333 14.97 3.19 -9.14
CA VAL B 333 15.21 2.77 -10.53
C VAL B 333 14.80 3.87 -11.48
N LEU B 334 13.70 4.56 -11.17
CA LEU B 334 13.35 5.74 -11.96
C LEU B 334 14.47 6.77 -11.88
N GLN B 335 15.12 6.88 -10.72
CA GLN B 335 16.24 7.81 -10.61
C GLN B 335 17.42 7.39 -11.50
N GLN B 336 17.64 6.09 -11.60
CA GLN B 336 18.68 5.58 -12.49
C GLN B 336 18.42 5.97 -13.94
N PHE B 337 17.15 5.85 -14.36
CA PHE B 337 16.79 6.25 -15.72
C PHE B 337 17.07 7.73 -15.93
N ARG B 338 16.64 8.58 -14.98
CA ARG B 338 16.87 10.03 -15.12
C ARG B 338 18.37 10.36 -15.22
N ILE B 339 19.16 9.76 -14.35
CA ILE B 339 20.59 9.98 -14.34
C ILE B 339 21.21 9.63 -15.70
N ALA B 340 20.82 8.48 -16.24
CA ALA B 340 21.37 8.00 -17.51
C ALA B 340 20.91 8.84 -18.71
N ASN B 341 19.76 9.49 -18.56
CA ASN B 341 19.28 10.47 -19.55
C ASN B 341 20.02 11.81 -19.45
N GLY B 342 20.94 11.92 -18.49
CA GLY B 342 21.68 13.16 -18.26
C GLY B 342 20.89 14.24 -17.53
N GLU B 343 19.79 13.89 -16.88
CA GLU B 343 19.00 14.89 -16.14
C GLU B 343 19.70 15.31 -14.85
N LYS B 344 19.47 16.56 -14.44
CA LYS B 344 19.85 17.00 -13.10
C LYS B 344 18.94 16.31 -12.10
N LEU B 345 19.46 16.05 -10.90
CA LEU B 345 18.67 15.51 -9.80
C LEU B 345 17.43 16.39 -9.57
N ASP B 346 16.25 15.78 -9.53
CA ASP B 346 15.04 16.54 -9.18
C ASP B 346 14.76 16.51 -7.69
N ILE B 347 15.68 15.89 -6.96
CA ILE B 347 15.65 15.84 -5.50
C ILE B 347 16.76 16.78 -5.00
N THR B 348 16.40 17.78 -4.20
CA THR B 348 17.36 18.83 -3.83
C THR B 348 17.94 18.70 -2.42
N GLU B 349 17.34 17.86 -1.60
CA GLU B 349 17.86 17.64 -0.24
C GLU B 349 17.66 16.20 0.19
N ASP B 350 18.45 15.74 1.15
CA ASP B 350 18.29 14.40 1.69
C ASP B 350 16.86 14.28 2.24
N PRO B 351 16.09 13.29 1.78
CA PRO B 351 14.72 13.18 2.29
C PRO B 351 14.65 12.64 3.71
N THR B 352 13.67 13.13 4.46
CA THR B 352 13.45 12.67 5.82
C THR B 352 12.75 11.31 5.74
N PRO B 353 13.26 10.31 6.48
CA PRO B 353 12.56 9.02 6.41
C PRO B 353 11.17 9.11 7.02
N ARG B 354 10.24 8.37 6.44
CA ARG B 354 8.93 8.24 7.05
C ARG B 354 8.70 6.79 7.43
N GLY B 355 8.53 6.54 8.73
CA GLY B 355 8.33 5.18 9.21
C GLY B 355 9.63 4.38 9.19
N HIS B 356 9.50 3.07 9.24
CA HIS B 356 10.65 2.18 9.28
C HIS B 356 10.36 0.97 8.41
N ALA B 357 11.34 0.50 7.66
CA ALA B 357 11.12 -0.68 6.84
C ALA B 357 12.18 -1.75 7.04
N ILE B 358 11.77 -3.02 6.96
CA ILE B 358 12.69 -4.12 7.15
C ILE B 358 12.55 -5.10 5.98
N GLU B 359 13.67 -5.48 5.38
CA GLU B 359 13.65 -6.45 4.29
C GLU B 359 14.21 -7.80 4.76
N PHE B 360 13.61 -8.88 4.26
CA PHE B 360 14.06 -10.23 4.58
C PHE B 360 14.28 -10.93 3.27
N ARG B 361 15.51 -11.40 3.05
CA ARG B 361 15.81 -12.17 1.84
C ARG B 361 15.31 -13.60 1.99
N ILE B 362 14.47 -14.01 1.05
CA ILE B 362 13.91 -15.35 1.05
C ILE B 362 14.83 -16.21 0.20
N ASN B 363 15.89 -16.72 0.81
CA ASN B 363 16.85 -17.54 0.11
C ASN B 363 16.53 -19.01 0.35
N GLY B 364 16.77 -19.85 -0.65
CA GLY B 364 16.68 -21.29 -0.47
C GLY B 364 17.93 -21.83 0.21
N GLU B 365 17.95 -21.67 1.53
CA GLU B 365 19.06 -22.11 2.38
C GLU B 365 18.42 -22.60 3.67
N ASP B 366 19.07 -23.52 4.36
CA ASP B 366 18.48 -24.11 5.55
C ASP B 366 19.26 -23.66 6.79
N ALA B 367 18.67 -22.75 7.56
CA ALA B 367 19.31 -22.28 8.79
C ALA B 367 19.45 -23.43 9.79
N GLY B 368 18.61 -24.46 9.64
CA GLY B 368 18.68 -25.63 10.51
C GLY B 368 19.86 -26.52 10.16
N ARG B 369 20.41 -26.33 8.97
CA ARG B 369 21.65 -26.99 8.56
C ARG B 369 22.73 -25.97 8.23
N ASN B 370 23.03 -25.09 9.17
CA ASN B 370 24.14 -24.16 9.02
C ASN B 370 24.05 -23.25 7.77
N PHE B 371 22.83 -22.89 7.37
CA PHE B 371 22.57 -22.05 6.19
C PHE B 371 23.02 -22.65 4.86
N LEU B 372 23.15 -23.96 4.85
CA LEU B 372 23.44 -24.74 3.66
C LEU B 372 22.41 -24.50 2.57
N PRO B 373 22.86 -24.01 1.40
CA PRO B 373 21.95 -23.91 0.25
C PRO B 373 21.27 -25.24 0.00
N ALA B 374 19.97 -25.21 -0.29
CA ALA B 374 19.18 -26.41 -0.44
C ALA B 374 18.25 -26.30 -1.64
N PRO B 375 18.83 -26.40 -2.86
CA PRO B 375 18.10 -26.35 -4.13
C PRO B 375 16.93 -27.33 -4.21
N GLY B 376 15.87 -26.95 -4.91
CA GLY B 376 14.69 -27.78 -5.00
C GLY B 376 13.54 -27.11 -5.74
N PRO B 377 12.38 -27.78 -5.80
CA PRO B 377 11.22 -27.25 -6.52
C PRO B 377 10.48 -26.26 -5.63
N VAL B 378 9.92 -25.20 -6.20
CA VAL B 378 9.03 -24.34 -5.46
C VAL B 378 7.62 -24.85 -5.73
N THR B 379 7.18 -25.75 -4.85
CA THR B 379 5.92 -26.48 -5.01
C THR B 379 4.72 -25.59 -4.70
N LYS B 380 4.95 -24.66 -3.78
CA LYS B 380 3.94 -23.65 -3.47
C LYS B 380 4.65 -22.37 -3.06
N PHE B 381 4.26 -21.27 -3.69
CA PHE B 381 4.79 -19.96 -3.33
C PHE B 381 3.61 -19.10 -2.94
N HIS B 382 3.46 -18.86 -1.64
CA HIS B 382 2.31 -18.14 -1.10
C HIS B 382 2.83 -16.94 -0.32
N PRO B 383 3.06 -15.81 -1.02
CA PRO B 383 3.55 -14.59 -0.37
C PRO B 383 2.44 -13.89 0.42
N PRO B 384 2.80 -13.17 1.49
CA PRO B 384 1.80 -12.41 2.25
C PRO B 384 1.43 -11.15 1.49
N SER B 385 0.39 -10.46 1.95
CA SER B 385 0.04 -9.16 1.39
C SER B 385 -0.70 -8.41 2.46
N GLY B 386 -1.33 -7.31 2.12
CA GLY B 386 -2.00 -6.50 3.11
C GLY B 386 -1.13 -5.34 3.55
N PRO B 387 -1.54 -4.67 4.64
CA PRO B 387 -0.90 -3.42 5.07
C PRO B 387 0.56 -3.61 5.44
N GLY B 388 1.40 -2.74 4.90
CA GLY B 388 2.82 -2.75 5.22
C GLY B 388 3.65 -3.70 4.39
N VAL B 389 3.00 -4.48 3.52
CA VAL B 389 3.70 -5.56 2.82
C VAL B 389 4.05 -5.25 1.36
N ARG B 390 5.34 -5.35 1.04
CA ARG B 390 5.78 -5.33 -0.34
C ARG B 390 6.58 -6.61 -0.59
N VAL B 391 6.26 -7.28 -1.70
CA VAL B 391 7.01 -8.46 -2.13
C VAL B 391 7.59 -8.23 -3.51
N ASP B 392 8.92 -8.32 -3.61
CA ASP B 392 9.60 -8.28 -4.91
C ASP B 392 10.09 -9.70 -5.18
N SER B 393 9.37 -10.42 -6.04
CA SER B 393 9.68 -11.82 -6.27
C SER B 393 10.22 -12.05 -7.67
N GLY B 394 10.95 -13.16 -7.82
CA GLY B 394 11.44 -13.58 -9.12
C GLY B 394 10.95 -14.97 -9.43
N VAL B 395 10.12 -15.52 -8.54
CA VAL B 395 9.59 -16.87 -8.73
C VAL B 395 8.08 -16.94 -8.59
N GLU B 396 7.54 -18.11 -8.94
CA GLU B 396 6.15 -18.47 -8.74
C GLU B 396 6.06 -19.91 -8.28
N THR B 397 4.84 -20.35 -7.97
CA THR B 397 4.55 -21.76 -7.82
C THR B 397 4.94 -22.46 -9.12
N GLY B 398 5.75 -23.51 -9.02
CA GLY B 398 6.22 -24.23 -10.18
C GLY B 398 7.60 -23.82 -10.65
N SER B 399 8.18 -22.79 -10.01
CA SER B 399 9.55 -22.41 -10.31
C SER B 399 10.49 -23.45 -9.71
N VAL B 400 11.75 -23.43 -10.15
CA VAL B 400 12.75 -24.38 -9.67
C VAL B 400 14.06 -23.67 -9.30
N ILE B 401 14.54 -23.93 -8.10
CA ILE B 401 15.80 -23.36 -7.64
C ILE B 401 16.93 -24.38 -7.80
N GLY B 402 17.70 -24.24 -8.87
CA GLY B 402 18.89 -25.05 -9.06
C GLY B 402 20.07 -24.39 -8.38
N GLY B 403 21.21 -25.08 -8.34
CA GLY B 403 22.37 -24.52 -7.69
C GLY B 403 23.24 -23.66 -8.58
N GLN B 404 22.71 -23.28 -9.76
CA GLN B 404 23.52 -22.58 -10.76
C GLN B 404 23.32 -21.06 -10.82
N PHE B 405 22.31 -20.55 -10.13
CA PHE B 405 22.17 -19.12 -9.89
C PHE B 405 22.02 -18.92 -8.38
N ASP B 406 21.86 -17.67 -7.94
CA ASP B 406 21.69 -17.42 -6.50
C ASP B 406 20.46 -18.11 -5.95
N SER B 407 20.42 -18.27 -4.64
CA SER B 407 19.34 -19.03 -4.01
C SER B 407 18.13 -18.15 -3.67
N MET B 408 18.15 -16.89 -4.13
CA MET B 408 17.08 -15.98 -3.70
C MET B 408 15.78 -16.16 -4.49
N LEU B 409 14.71 -16.44 -3.76
CA LEU B 409 13.40 -16.58 -4.38
C LEU B 409 12.79 -15.19 -4.52
N ALA B 410 12.89 -14.43 -3.43
CA ALA B 410 12.19 -13.16 -3.33
C ALA B 410 12.67 -12.38 -2.13
N LYS B 411 12.11 -11.17 -1.98
CA LYS B 411 12.43 -10.33 -0.84
C LYS B 411 11.11 -9.87 -0.25
N LEU B 412 10.97 -10.01 1.06
CA LEU B 412 9.80 -9.48 1.75
C LEU B 412 10.19 -8.16 2.39
N ILE B 413 9.43 -7.11 2.08
CA ILE B 413 9.74 -5.80 2.62
C ILE B 413 8.53 -5.32 3.45
N VAL B 414 8.76 -5.06 4.72
CA VAL B 414 7.67 -4.71 5.64
C VAL B 414 7.90 -3.30 6.19
N HIS B 415 6.87 -2.46 6.13
CA HIS B 415 6.99 -1.06 6.47
C HIS B 415 5.96 -0.72 7.55
N GLY B 416 6.38 0.01 8.58
CA GLY B 416 5.47 0.44 9.63
C GLY B 416 5.79 1.84 10.08
N ALA B 417 5.00 2.38 11.02
CA ALA B 417 5.15 3.78 11.44
C ALA B 417 6.46 4.03 12.21
N ASP B 418 6.94 2.97 12.86
CA ASP B 418 8.22 3.01 13.56
C ASP B 418 8.79 1.61 13.57
N ARG B 419 9.97 1.44 14.14
CA ARG B 419 10.62 0.12 14.16
C ARG B 419 9.77 -0.95 14.86
N ALA B 420 9.12 -0.58 15.97
CA ALA B 420 8.29 -1.53 16.70
C ALA B 420 7.15 -2.05 15.83
N GLU B 421 6.46 -1.14 15.15
CA GLU B 421 5.34 -1.53 14.29
C GLU B 421 5.81 -2.37 13.11
N ALA B 422 6.98 -2.03 12.57
CA ALA B 422 7.55 -2.79 11.47
C ALA B 422 7.84 -4.22 11.91
N LEU B 423 8.41 -4.36 13.10
CA LEU B 423 8.71 -5.69 13.63
C LEU B 423 7.42 -6.48 13.83
N ALA B 424 6.41 -5.84 14.42
CA ALA B 424 5.14 -6.52 14.68
C ALA B 424 4.50 -6.94 13.37
N ARG B 425 4.56 -6.09 12.35
CA ARG B 425 4.03 -6.43 11.03
C ARG B 425 4.82 -7.52 10.39
N ALA B 426 6.13 -7.53 10.64
CA ALA B 426 7.01 -8.55 10.07
C ALA B 426 6.69 -9.93 10.66
N ARG B 427 6.43 -9.99 11.96
CA ARG B 427 6.01 -11.26 12.56
C ARG B 427 4.76 -11.82 11.88
N ARG B 428 3.79 -10.94 11.65
CA ARG B 428 2.55 -11.32 10.99
C ARG B 428 2.76 -11.77 9.54
N ALA B 429 3.54 -10.99 8.80
CA ALA B 429 3.75 -11.25 7.39
C ALA B 429 4.59 -12.50 7.18
N LEU B 430 5.62 -12.66 8.01
CA LEU B 430 6.45 -13.86 7.95
C LEU B 430 5.66 -15.11 8.31
N ASN B 431 4.67 -14.94 9.19
CA ASN B 431 3.80 -16.07 9.57
C ASN B 431 2.98 -16.52 8.39
N GLU B 432 2.54 -15.57 7.58
CA GLU B 432 1.73 -15.87 6.41
C GLU B 432 2.52 -16.41 5.24
N PHE B 433 3.82 -16.22 5.24
CA PHE B 433 4.63 -16.56 4.06
C PHE B 433 4.80 -18.07 4.00
N GLY B 434 4.09 -18.72 3.08
CA GLY B 434 4.23 -20.16 2.89
C GLY B 434 5.09 -20.45 1.67
N VAL B 435 6.18 -21.19 1.88
CA VAL B 435 6.98 -21.70 0.76
C VAL B 435 7.17 -23.20 0.96
N GLU B 436 6.80 -23.98 -0.04
CA GLU B 436 6.90 -25.44 0.06
C GLU B 436 7.69 -26.03 -1.10
N GLY B 437 8.41 -27.11 -0.82
CA GLY B 437 9.21 -27.76 -1.83
C GLY B 437 10.68 -27.80 -1.48
N LEU B 438 11.14 -26.76 -0.77
CA LEU B 438 12.54 -26.69 -0.38
C LEU B 438 12.71 -25.87 0.89
N ALA B 439 13.91 -25.95 1.46
CA ALA B 439 14.23 -25.14 2.62
C ALA B 439 14.31 -23.67 2.19
N THR B 440 13.93 -22.77 3.09
CA THR B 440 14.25 -21.35 2.98
C THR B 440 14.68 -20.86 4.33
N VAL B 441 15.12 -19.61 4.40
CA VAL B 441 15.52 -19.02 5.67
C VAL B 441 14.36 -18.36 6.45
N ILE B 442 13.14 -18.55 5.98
CA ILE B 442 11.95 -18.01 6.68
C ILE B 442 11.91 -18.35 8.19
N PRO B 443 12.24 -19.60 8.55
CA PRO B 443 12.29 -19.86 9.99
C PRO B 443 13.33 -19.01 10.74
N PHE B 444 14.49 -18.75 10.13
CA PHE B 444 15.45 -17.83 10.74
C PHE B 444 14.85 -16.43 10.90
N HIS B 445 14.24 -15.94 9.83
CA HIS B 445 13.57 -14.63 9.88
C HIS B 445 12.52 -14.56 11.00
N ARG B 446 11.71 -15.61 11.13
CA ARG B 446 10.68 -15.64 12.17
C ARG B 446 11.31 -15.56 13.56
N ALA B 447 12.43 -16.24 13.73
CA ALA B 447 13.12 -16.25 15.02
C ALA B 447 13.75 -14.90 15.32
N VAL B 448 14.42 -14.32 14.33
CA VAL B 448 15.21 -13.12 14.60
C VAL B 448 14.34 -11.89 14.95
N VAL B 449 13.17 -11.77 14.35
CA VAL B 449 12.29 -10.64 14.66
C VAL B 449 11.71 -10.71 16.08
N SER B 450 11.85 -11.85 16.74
CA SER B 450 11.43 -11.95 18.14
C SER B 450 12.56 -12.19 19.14
N ASP B 451 13.80 -11.98 18.67
CA ASP B 451 15.00 -12.13 19.50
C ASP B 451 15.34 -10.80 20.17
N PRO B 452 15.52 -10.83 21.50
CA PRO B 452 15.78 -9.58 22.23
C PRO B 452 17.02 -8.83 21.74
N ALA B 453 17.99 -9.55 21.17
CA ALA B 453 19.19 -8.94 20.64
C ALA B 453 18.91 -8.05 19.43
N PHE B 454 17.92 -8.44 18.63
CA PHE B 454 17.54 -7.66 17.46
C PHE B 454 16.48 -6.61 17.82
N ILE B 455 15.56 -6.96 18.72
CA ILE B 455 14.58 -6.00 19.21
C ILE B 455 15.27 -4.87 19.97
N GLY B 456 16.19 -5.23 20.86
CA GLY B 456 16.95 -4.25 21.61
C GLY B 456 16.10 -3.53 22.62
N GLY B 460 19.43 0.96 22.23
CA GLY B 460 19.81 0.37 20.96
C GLY B 460 19.59 -1.12 20.92
N PHE B 461 20.42 -1.83 20.16
CA PHE B 461 20.35 -3.28 20.11
C PHE B 461 21.72 -3.95 20.25
N SER B 462 21.79 -5.26 20.11
CA SER B 462 23.06 -5.94 20.34
C SER B 462 23.49 -6.86 19.20
N VAL B 463 22.96 -6.64 18.00
CA VAL B 463 23.41 -7.40 16.84
C VAL B 463 24.61 -6.71 16.20
N HIS B 464 25.33 -7.44 15.35
CA HIS B 464 26.53 -6.96 14.68
C HIS B 464 26.87 -7.94 13.56
N THR B 465 27.92 -7.67 12.78
CA THR B 465 28.23 -8.45 11.58
C THR B 465 28.57 -9.93 11.83
N ARG B 466 28.88 -10.29 13.08
CA ARG B 466 29.21 -11.68 13.37
C ARG B 466 28.23 -12.31 14.36
N TRP B 467 27.12 -11.63 14.61
CA TRP B 467 26.15 -12.08 15.61
C TRP B 467 25.50 -13.39 15.24
N ILE B 468 25.10 -13.51 13.98
CA ILE B 468 24.40 -14.72 13.54
C ILE B 468 25.24 -15.96 13.81
N GLU B 469 26.52 -15.88 13.49
CA GLU B 469 27.37 -17.06 13.55
C GLU B 469 27.97 -17.30 14.94
N THR B 470 28.06 -16.26 15.76
CA THR B 470 28.74 -16.41 17.05
C THR B 470 27.88 -16.23 18.31
N GLU B 471 26.68 -15.65 18.16
CA GLU B 471 25.85 -15.38 19.34
C GLU B 471 24.41 -15.90 19.25
N TRP B 472 23.85 -15.91 18.04
CA TRP B 472 22.48 -16.36 17.85
C TRP B 472 22.29 -17.80 18.32
N ASN B 473 21.34 -18.04 19.23
CA ASN B 473 21.02 -19.38 19.66
C ASN B 473 20.15 -20.05 18.61
N ASN B 474 20.79 -20.77 17.70
CA ASN B 474 20.11 -21.41 16.59
C ASN B 474 19.31 -22.62 17.08
N THR B 475 17.99 -22.46 17.15
CA THR B 475 17.13 -23.56 17.58
C THR B 475 16.32 -24.07 16.39
N ILE B 476 16.72 -23.66 15.20
CA ILE B 476 15.97 -23.95 13.98
C ILE B 476 16.04 -25.43 13.62
N GLU B 477 14.88 -26.04 13.41
CA GLU B 477 14.83 -27.43 12.97
C GLU B 477 15.15 -27.57 11.49
N PRO B 478 16.01 -28.54 11.15
CA PRO B 478 16.36 -28.74 9.73
C PRO B 478 15.13 -29.06 8.90
N PHE B 479 15.15 -28.67 7.64
CA PHE B 479 14.08 -28.94 6.69
C PHE B 479 13.80 -30.45 6.57
#